data_6GW6
#
_entry.id   6GW6
#
_cell.length_a   60.060
_cell.length_b   90.330
_cell.length_c   186.640
_cell.angle_alpha   90.000
_cell.angle_beta   90.000
_cell.angle_gamma   90.000
#
_symmetry.space_group_name_H-M   'P 21 21 21'
#
loop_
_entity.id
_entity.type
_entity.pdbx_description
1 polymer 'RES toxin'
2 polymer 'Xre antitoxin'
3 non-polymer IMIDAZOLE
4 non-polymer GLYCEROL
5 water water
#
loop_
_entity_poly.entity_id
_entity_poly.type
_entity_poly.pdbx_seq_one_letter_code
_entity_poly.pdbx_strand_id
1 'polypeptide(L)'
;MILWRISAYADLSGTGGLRVSGAWHQAGRPVVYAATSPPGAMLEVLVHLEIDPEDFPTTMRLLRIELPDTVSQAQLPALQ
PGWSAQPELTRTLGNRFLDDCSALLLPVPSAIMPSTTNYLFNPRHPQAQSAKIQVEDFTPDSRLF
;
A,D
2 'polypeptide(L)'
;MLAEVLRDNGYHEYRARLQALLDIPELASDFEIHTRITDGFAATWLVKLTERGVLTPVERDQIIPLRTLKSRIERDQPLT
VDESDRLFRSAHITAMAEAVFGEAGKAKRWLSKPKERFSGLTPMQMLTTQQGTTQVEEMLLQIAEGYGL
;
B,C,E,F
#
# COMPACT_ATOMS: atom_id res chain seq x y z
N MET A 1 21.13 -24.87 -5.00
CA MET A 1 20.64 -23.51 -4.83
C MET A 1 19.23 -23.52 -4.25
N ILE A 2 18.83 -22.40 -3.66
CA ILE A 2 17.53 -22.25 -3.02
C ILE A 2 16.76 -21.15 -3.73
N LEU A 3 15.59 -21.49 -4.25
CA LEU A 3 14.68 -20.52 -4.85
C LEU A 3 13.39 -20.47 -4.04
N TRP A 4 12.60 -19.43 -4.27
CA TRP A 4 11.39 -19.21 -3.51
C TRP A 4 10.26 -18.76 -4.44
N ARG A 5 9.07 -19.30 -4.20
CA ARG A 5 7.89 -18.93 -4.97
C ARG A 5 6.76 -18.55 -4.01
N ILE A 6 6.02 -17.52 -4.38
CA ILE A 6 4.81 -17.12 -3.67
C ILE A 6 3.65 -17.23 -4.64
N SER A 7 2.72 -18.14 -4.36
CA SER A 7 1.55 -18.36 -5.19
C SER A 7 0.53 -19.13 -4.37
N ALA A 8 -0.63 -19.37 -4.98
CA ALA A 8 -1.68 -20.13 -4.33
C ALA A 8 -1.44 -21.64 -4.40
N TYR A 9 -0.27 -22.08 -4.85
CA TYR A 9 -0.04 -23.48 -5.18
C TYR A 9 1.22 -24.00 -4.51
N ALA A 10 1.12 -25.21 -3.98
CA ALA A 10 2.27 -25.94 -3.41
C ALA A 10 2.85 -26.92 -4.41
N ASP A 11 2.98 -26.51 -5.67
CA ASP A 11 3.59 -27.34 -6.70
C ASP A 11 4.38 -26.42 -7.64
N LEU A 12 5.01 -27.03 -8.65
CA LEU A 12 5.75 -26.30 -9.67
C LEU A 12 5.20 -26.59 -11.06
N SER A 13 3.89 -26.84 -11.16
CA SER A 13 3.28 -27.11 -12.45
C SER A 13 3.24 -25.85 -13.32
N GLY A 14 2.92 -24.71 -12.72
CA GLY A 14 2.83 -23.46 -13.47
C GLY A 14 1.89 -23.51 -14.65
N THR A 15 0.81 -24.29 -14.54
CA THR A 15 -0.10 -24.45 -15.67
C THR A 15 -0.93 -23.20 -15.95
N GLY A 16 -1.00 -22.26 -15.00
CA GLY A 16 -1.70 -21.00 -15.25
C GLY A 16 -1.12 -20.19 -16.39
N GLY A 17 0.15 -20.42 -16.73
CA GLY A 17 0.75 -19.77 -17.89
C GLY A 17 0.10 -20.17 -19.20
N LEU A 18 -0.66 -21.27 -19.20
CA LEU A 18 -1.40 -21.64 -20.40
C LEU A 18 -2.49 -20.64 -20.74
N ARG A 19 -2.93 -19.85 -19.76
CA ARG A 19 -4.02 -18.90 -19.94
C ARG A 19 -3.60 -17.44 -19.80
N VAL A 20 -2.70 -17.13 -18.87
CA VAL A 20 -2.37 -15.75 -18.53
C VAL A 20 -0.91 -15.48 -18.82
N SER A 21 -0.61 -14.26 -19.28
CA SER A 21 0.74 -13.85 -19.59
C SER A 21 1.43 -13.28 -18.35
N GLY A 22 2.71 -12.93 -18.52
CA GLY A 22 3.48 -12.29 -17.48
C GLY A 22 4.47 -11.34 -18.13
N ALA A 23 5.32 -10.73 -17.31
CA ALA A 23 6.29 -9.79 -17.85
C ALA A 23 7.36 -10.51 -18.68
N TRP A 24 7.57 -11.81 -18.43
CA TRP A 24 8.61 -12.56 -19.12
C TRP A 24 8.06 -13.67 -19.99
N HIS A 25 6.75 -13.64 -20.30
CA HIS A 25 6.20 -14.67 -21.17
C HIS A 25 4.81 -14.26 -21.64
N GLN A 26 4.48 -14.70 -22.85
CA GLN A 26 3.12 -14.65 -23.35
C GLN A 26 2.41 -15.94 -22.99
N ALA A 27 1.10 -15.85 -22.74
CA ALA A 27 0.30 -17.00 -22.35
C ALA A 27 0.44 -18.16 -23.33
N GLY A 28 0.11 -19.37 -22.87
CA GLY A 28 0.17 -20.55 -23.71
C GLY A 28 1.37 -21.45 -23.49
N ARG A 29 2.09 -21.26 -22.37
CA ARG A 29 3.23 -22.10 -22.04
C ARG A 29 3.30 -22.12 -20.53
N PRO A 30 3.45 -23.29 -19.92
CA PRO A 30 3.61 -23.34 -18.46
C PRO A 30 4.94 -22.75 -18.04
N VAL A 31 4.92 -22.03 -16.92
CA VAL A 31 6.12 -21.35 -16.43
C VAL A 31 5.91 -21.01 -14.96
N VAL A 32 7.00 -21.04 -14.20
CA VAL A 32 7.01 -20.68 -12.79
C VAL A 32 7.99 -19.53 -12.61
N TYR A 33 7.53 -18.47 -11.95
CA TYR A 33 8.36 -17.32 -11.61
C TYR A 33 8.82 -17.48 -10.16
N ALA A 34 10.13 -17.39 -9.94
CA ALA A 34 10.68 -17.59 -8.60
C ALA A 34 11.71 -16.51 -8.30
N ALA A 35 12.06 -16.38 -7.02
CA ALA A 35 13.04 -15.42 -6.55
C ALA A 35 14.15 -16.15 -5.80
N THR A 36 15.16 -15.38 -5.38
CA THR A 36 16.30 -15.94 -4.65
C THR A 36 16.18 -15.76 -3.15
N SER A 37 15.11 -15.13 -2.66
CA SER A 37 14.90 -14.93 -1.24
C SER A 37 13.41 -14.79 -0.99
N PRO A 38 12.94 -15.15 0.20
CA PRO A 38 11.51 -14.98 0.53
C PRO A 38 11.04 -13.54 0.36
N PRO A 39 11.78 -12.53 0.84
CA PRO A 39 11.33 -11.15 0.60
C PRO A 39 11.36 -10.76 -0.86
N GLY A 40 12.27 -11.34 -1.65
CA GLY A 40 12.28 -11.07 -3.08
C GLY A 40 11.00 -11.50 -3.75
N ALA A 41 10.50 -12.68 -3.38
CA ALA A 41 9.22 -13.15 -3.93
C ALA A 41 8.07 -12.27 -3.47
N MET A 42 8.11 -11.82 -2.22
CA MET A 42 7.00 -11.06 -1.66
C MET A 42 6.95 -9.65 -2.24
N LEU A 43 8.10 -8.98 -2.34
CA LEU A 43 8.13 -7.61 -2.84
C LEU A 43 7.63 -7.53 -4.27
N GLU A 44 7.98 -8.52 -5.11
CA GLU A 44 7.52 -8.52 -6.49
C GLU A 44 6.00 -8.62 -6.56
N VAL A 45 5.39 -9.43 -5.70
CA VAL A 45 3.94 -9.62 -5.74
C VAL A 45 3.22 -8.36 -5.27
N LEU A 46 3.64 -7.83 -4.12
CA LEU A 46 2.95 -6.67 -3.54
C LEU A 46 3.02 -5.46 -4.47
N VAL A 47 4.15 -5.27 -5.14
CA VAL A 47 4.34 -4.08 -5.96
C VAL A 47 3.66 -4.25 -7.32
N HIS A 48 3.95 -5.35 -8.01
CA HIS A 48 3.48 -5.50 -9.39
C HIS A 48 1.99 -5.84 -9.45
N LEU A 49 1.50 -6.65 -8.53
CA LEU A 49 0.09 -7.01 -8.49
C LEU A 49 -0.71 -6.14 -7.53
N GLU A 50 -0.08 -5.12 -6.93
CA GLU A 50 -0.76 -4.04 -6.22
C GLU A 50 -1.64 -4.58 -5.10
N ILE A 51 -1.01 -5.31 -4.18
CA ILE A 51 -1.68 -5.91 -3.03
C ILE A 51 -1.18 -5.23 -1.78
N ASP A 52 -2.08 -4.56 -1.06
CA ASP A 52 -1.73 -4.02 0.24
C ASP A 52 -1.46 -5.15 1.21
N PRO A 53 -0.59 -4.93 2.21
CA PRO A 53 -0.35 -5.98 3.21
C PRO A 53 -1.61 -6.46 3.91
N GLU A 54 -2.61 -5.60 4.10
CA GLU A 54 -3.85 -6.02 4.74
C GLU A 54 -4.69 -6.91 3.85
N ASP A 55 -4.51 -6.84 2.54
CA ASP A 55 -5.28 -7.63 1.59
C ASP A 55 -4.53 -8.86 1.09
N PHE A 56 -3.43 -9.24 1.73
CA PHE A 56 -2.65 -10.37 1.26
C PHE A 56 -3.47 -11.64 1.38
N PRO A 57 -3.60 -12.42 0.30
CA PRO A 57 -4.50 -13.58 0.33
C PRO A 57 -4.06 -14.63 1.33
N THR A 58 -5.05 -15.20 2.03
CA THR A 58 -4.80 -16.33 2.91
C THR A 58 -4.45 -17.60 2.15
N THR A 59 -4.63 -17.60 0.82
CA THR A 59 -4.33 -18.76 -0.01
C THR A 59 -2.88 -18.78 -0.50
N MET A 60 -2.13 -17.70 -0.30
CA MET A 60 -0.75 -17.65 -0.75
C MET A 60 0.11 -18.60 0.06
N ARG A 61 1.03 -19.29 -0.61
CA ARG A 61 1.93 -20.23 0.01
C ARG A 61 3.36 -19.90 -0.39
N LEU A 62 4.23 -19.72 0.60
CA LEU A 62 5.66 -19.52 0.35
C LEU A 62 6.30 -20.89 0.16
N LEU A 63 6.87 -21.11 -1.03
CA LEU A 63 7.40 -22.41 -1.43
C LEU A 63 8.91 -22.34 -1.48
N ARG A 64 9.57 -23.20 -0.70
CA ARG A 64 11.02 -23.37 -0.76
C ARG A 64 11.36 -24.35 -1.88
N ILE A 65 12.19 -23.93 -2.82
CA ILE A 65 12.56 -24.74 -3.97
C ILE A 65 14.04 -25.06 -3.86
N GLU A 66 14.36 -26.33 -3.64
CA GLU A 66 15.74 -26.79 -3.51
C GLU A 66 16.17 -27.49 -4.80
N LEU A 67 17.17 -26.93 -5.47
CA LEU A 67 17.74 -27.50 -6.67
C LEU A 67 19.24 -27.73 -6.49
N PRO A 68 19.78 -28.81 -7.06
CA PRO A 68 21.23 -28.99 -7.01
C PRO A 68 21.95 -27.90 -7.80
N ASP A 69 23.17 -27.59 -7.37
CA ASP A 69 23.91 -26.50 -7.99
C ASP A 69 24.36 -26.81 -9.41
N THR A 70 24.25 -28.06 -9.85
CA THR A 70 24.55 -28.42 -11.22
C THR A 70 23.34 -28.26 -12.14
N VAL A 71 22.28 -27.62 -11.67
CA VAL A 71 21.08 -27.45 -12.49
C VAL A 71 21.42 -26.62 -13.72
N SER A 72 20.78 -26.95 -14.84
CA SER A 72 21.04 -26.25 -16.10
C SER A 72 20.41 -24.87 -16.07
N GLN A 73 21.18 -23.87 -16.52
CA GLN A 73 20.73 -22.48 -16.56
C GLN A 73 21.05 -21.88 -17.91
N ALA A 74 20.04 -21.28 -18.54
CA ALA A 74 20.30 -20.46 -19.72
C ALA A 74 20.83 -19.10 -19.28
N GLN A 75 21.32 -18.33 -20.25
CA GLN A 75 21.85 -17.01 -19.97
C GLN A 75 21.16 -15.97 -20.85
N LEU A 76 20.72 -14.88 -20.22
CA LEU A 76 20.23 -13.73 -20.96
C LEU A 76 21.39 -13.01 -21.62
N PRO A 77 21.14 -12.32 -22.73
CA PRO A 77 22.10 -11.33 -23.21
C PRO A 77 22.09 -10.12 -22.30
N ALA A 78 23.15 -9.32 -22.40
CA ALA A 78 23.23 -8.10 -21.62
C ALA A 78 22.14 -7.13 -22.07
N LEU A 79 21.21 -6.82 -21.16
CA LEU A 79 20.13 -5.89 -21.48
C LEU A 79 20.60 -4.46 -21.32
N GLN A 80 19.97 -3.56 -22.07
CA GLN A 80 20.36 -2.16 -22.15
C GLN A 80 19.37 -1.28 -21.40
N PRO A 81 19.75 -0.04 -21.10
CA PRO A 81 18.83 0.85 -20.36
C PRO A 81 17.50 1.01 -21.08
N GLY A 82 16.43 1.04 -20.29
CA GLY A 82 15.08 1.06 -20.81
C GLY A 82 14.50 -0.31 -21.09
N TRP A 83 15.22 -1.39 -20.75
CA TRP A 83 14.74 -2.73 -21.05
C TRP A 83 13.45 -3.06 -20.30
N SER A 84 13.28 -2.54 -19.09
CA SER A 84 12.11 -2.87 -18.29
C SER A 84 10.84 -2.21 -18.80
N ALA A 85 10.95 -1.27 -19.75
CA ALA A 85 9.78 -0.64 -20.35
C ALA A 85 9.44 -1.20 -21.71
N GLN A 86 9.99 -2.37 -22.07
CA GLN A 86 9.78 -3.00 -23.37
C GLN A 86 9.18 -4.38 -23.17
N PRO A 87 7.84 -4.50 -23.17
CA PRO A 87 7.24 -5.84 -23.09
C PRO A 87 7.64 -6.73 -24.26
N GLU A 88 7.84 -6.17 -25.45
CA GLU A 88 8.29 -6.98 -26.58
C GLU A 88 9.60 -7.69 -26.28
N LEU A 89 10.50 -7.02 -25.56
CA LEU A 89 11.81 -7.59 -25.28
C LEU A 89 11.71 -8.73 -24.27
N THR A 90 11.10 -8.45 -23.11
CA THR A 90 11.11 -9.43 -22.03
C THR A 90 10.18 -10.61 -22.33
N ARG A 91 9.05 -10.35 -22.99
CA ARG A 91 8.15 -11.44 -23.35
C ARG A 91 8.81 -12.39 -24.35
N THR A 92 9.54 -11.83 -25.33
CA THR A 92 10.17 -12.66 -26.36
C THR A 92 11.29 -13.50 -25.76
N LEU A 93 12.12 -12.91 -24.90
CA LEU A 93 13.24 -13.65 -24.33
C LEU A 93 12.76 -14.83 -23.49
N GLY A 94 11.72 -14.62 -22.69
CA GLY A 94 11.18 -15.72 -21.92
C GLY A 94 10.46 -16.75 -22.77
N ASN A 95 9.79 -16.29 -23.84
CA ASN A 95 9.14 -17.22 -24.76
C ASN A 95 10.17 -18.12 -25.43
N ARG A 96 11.29 -17.53 -25.89
CA ARG A 96 12.32 -18.32 -26.55
C ARG A 96 12.96 -19.31 -25.57
N PHE A 97 13.14 -18.89 -24.32
CA PHE A 97 13.73 -19.80 -23.32
C PHE A 97 12.80 -20.97 -23.03
N LEU A 98 11.50 -20.71 -22.89
CA LEU A 98 10.55 -21.77 -22.57
C LEU A 98 10.36 -22.71 -23.76
N ASP A 99 10.32 -22.15 -24.98
CA ASP A 99 10.07 -22.97 -26.15
C ASP A 99 11.29 -23.79 -26.53
N ASP A 100 12.48 -23.22 -26.41
CA ASP A 100 13.70 -23.95 -26.78
C ASP A 100 13.92 -25.14 -25.86
N CYS A 101 13.54 -25.04 -24.58
CA CYS A 101 13.65 -26.13 -23.61
C CYS A 101 15.09 -26.63 -23.49
N SER A 102 16.04 -25.70 -23.50
CA SER A 102 17.46 -26.04 -23.39
C SER A 102 17.94 -26.07 -21.94
N ALA A 103 17.26 -25.38 -21.04
CA ALA A 103 17.68 -25.35 -19.63
C ALA A 103 16.44 -25.22 -18.76
N LEU A 104 16.61 -25.60 -17.48
CA LEU A 104 15.51 -25.52 -16.53
C LEU A 104 15.30 -24.08 -16.04
N LEU A 105 16.38 -23.35 -15.82
CA LEU A 105 16.31 -22.03 -15.20
C LEU A 105 16.81 -20.96 -16.15
N LEU A 106 16.19 -19.77 -16.05
CA LEU A 106 16.66 -18.58 -16.74
C LEU A 106 16.74 -17.44 -15.73
N PRO A 107 17.94 -17.00 -15.35
CA PRO A 107 18.04 -15.86 -14.43
C PRO A 107 17.68 -14.57 -15.13
N VAL A 108 16.77 -13.80 -14.52
CA VAL A 108 16.32 -12.54 -15.09
C VAL A 108 16.47 -11.44 -14.04
N PRO A 109 16.82 -10.22 -14.44
CA PRO A 109 16.97 -9.14 -13.46
C PRO A 109 15.63 -8.61 -12.98
N SER A 110 15.62 -8.12 -11.75
CA SER A 110 14.45 -7.48 -11.19
C SER A 110 14.29 -6.08 -11.77
N ALA A 111 13.03 -5.68 -11.99
CA ALA A 111 12.73 -4.36 -12.53
C ALA A 111 12.49 -3.32 -11.43
N ILE A 112 12.51 -3.72 -10.16
CA ILE A 112 12.23 -2.80 -9.07
C ILE A 112 13.39 -2.67 -8.08
N MET A 113 14.33 -3.60 -8.05
CA MET A 113 15.46 -3.51 -7.13
C MET A 113 16.76 -3.75 -7.87
N PRO A 114 17.79 -2.94 -7.61
CA PRO A 114 19.11 -3.22 -8.18
C PRO A 114 19.75 -4.43 -7.52
N SER A 115 20.68 -5.05 -8.25
CA SER A 115 21.47 -6.18 -7.73
C SER A 115 20.58 -7.31 -7.26
N THR A 116 19.46 -7.52 -7.94
CA THR A 116 18.48 -8.53 -7.56
C THR A 116 18.13 -9.38 -8.78
N THR A 117 18.15 -10.70 -8.59
CA THR A 117 17.92 -11.65 -9.67
C THR A 117 16.71 -12.49 -9.37
N ASN A 118 15.80 -12.59 -10.35
CA ASN A 118 14.68 -13.52 -10.31
C ASN A 118 14.91 -14.64 -11.31
N TYR A 119 14.06 -15.66 -11.25
CA TYR A 119 14.27 -16.87 -12.03
C TYR A 119 12.99 -17.31 -12.73
N LEU A 120 13.13 -17.69 -13.99
CA LEU A 120 12.09 -18.41 -14.72
C LEU A 120 12.38 -19.90 -14.63
N PHE A 121 11.34 -20.67 -14.31
CA PHE A 121 11.43 -22.12 -14.13
C PHE A 121 10.50 -22.76 -15.17
N ASN A 122 11.05 -23.63 -16.02
CA ASN A 122 10.23 -24.27 -17.05
C ASN A 122 9.83 -25.66 -16.61
N PRO A 123 8.55 -25.90 -16.30
CA PRO A 123 8.13 -27.25 -15.90
C PRO A 123 8.28 -28.30 -17.00
N ARG A 124 8.37 -27.89 -18.27
CA ARG A 124 8.50 -28.85 -19.35
C ARG A 124 9.89 -29.48 -19.41
N HIS A 125 10.90 -28.84 -18.83
CA HIS A 125 12.25 -29.37 -18.92
C HIS A 125 12.39 -30.61 -18.03
N PRO A 126 13.14 -31.62 -18.47
CA PRO A 126 13.24 -32.86 -17.67
C PRO A 126 13.85 -32.65 -16.30
N GLN A 127 14.73 -31.67 -16.12
CA GLN A 127 15.35 -31.44 -14.82
C GLN A 127 14.38 -30.84 -13.80
N ALA A 128 13.16 -30.50 -14.20
CA ALA A 128 12.19 -29.95 -13.26
C ALA A 128 11.87 -30.95 -12.15
N GLN A 129 11.98 -32.24 -12.44
CA GLN A 129 11.68 -33.27 -11.45
C GLN A 129 12.79 -33.47 -10.44
N SER A 130 13.92 -32.75 -10.58
CA SER A 130 15.00 -32.80 -9.61
C SER A 130 14.82 -31.82 -8.46
N ALA A 131 13.73 -31.05 -8.47
CA ALA A 131 13.49 -30.08 -7.40
C ALA A 131 12.82 -30.75 -6.21
N LYS A 132 13.24 -30.35 -5.01
CA LYS A 132 12.56 -30.71 -3.77
C LYS A 132 11.92 -29.46 -3.21
N ILE A 133 10.61 -29.51 -2.94
CA ILE A 133 9.85 -28.35 -2.53
C ILE A 133 9.20 -28.62 -1.18
N GLN A 134 8.99 -27.56 -0.42
CA GLN A 134 8.22 -27.64 0.81
C GLN A 134 7.69 -26.26 1.15
N VAL A 135 6.51 -26.25 1.76
CA VAL A 135 5.85 -24.99 2.11
C VAL A 135 6.41 -24.48 3.42
N GLU A 136 6.71 -23.19 3.47
CA GLU A 136 7.11 -22.51 4.69
C GLU A 136 5.91 -21.70 5.20
N ASP A 137 5.31 -22.16 6.30
CA ASP A 137 4.08 -21.56 6.80
C ASP A 137 4.31 -20.13 7.25
N PHE A 138 3.34 -19.27 6.98
CA PHE A 138 3.27 -17.95 7.61
C PHE A 138 2.74 -18.13 9.04
N THR A 139 3.52 -17.71 10.02
CA THR A 139 3.19 -17.83 11.42
C THR A 139 2.86 -16.46 12.01
N PRO A 140 2.26 -16.43 13.21
CA PRO A 140 2.01 -15.13 13.86
C PRO A 140 3.25 -14.26 14.00
N ASP A 141 4.44 -14.85 14.07
CA ASP A 141 5.68 -14.10 14.17
C ASP A 141 6.37 -13.90 12.83
N SER A 142 5.74 -14.31 11.72
CA SER A 142 6.34 -14.15 10.39
C SER A 142 5.21 -14.02 9.38
N ARG A 143 4.63 -12.82 9.31
CA ARG A 143 3.52 -12.58 8.40
C ARG A 143 3.43 -11.09 8.09
N LEU A 144 2.94 -10.78 6.90
CA LEU A 144 2.71 -9.40 6.48
C LEU A 144 1.68 -8.74 7.37
N PHE A 145 2.06 -7.61 7.97
CA PHE A 145 1.12 -6.70 8.62
C PHE A 145 0.37 -7.27 9.82
N MET B 1 -9.88 -22.04 -20.17
CA MET B 1 -10.90 -22.62 -19.31
C MET B 1 -10.63 -22.28 -17.85
N LEU B 2 -11.58 -21.55 -17.23
CA LEU B 2 -11.40 -21.09 -15.86
C LEU B 2 -11.18 -22.25 -14.90
N ALA B 3 -11.85 -23.38 -15.13
CA ALA B 3 -11.75 -24.51 -14.21
C ALA B 3 -10.34 -25.09 -14.18
N GLU B 4 -9.62 -25.05 -15.30
CA GLU B 4 -8.29 -25.63 -15.34
C GLU B 4 -7.22 -24.70 -14.77
N VAL B 5 -7.41 -23.39 -14.87
CA VAL B 5 -6.47 -22.46 -14.25
C VAL B 5 -6.65 -22.43 -12.74
N LEU B 6 -7.90 -22.53 -12.27
CA LEU B 6 -8.20 -22.41 -10.86
C LEU B 6 -8.12 -23.74 -10.11
N ARG B 7 -7.77 -24.83 -10.80
CA ARG B 7 -7.72 -26.19 -10.25
C ARG B 7 -9.11 -26.68 -9.84
N ASP B 8 -9.15 -27.84 -9.16
CA ASP B 8 -10.42 -28.40 -8.72
C ASP B 8 -10.93 -27.71 -7.47
N ASN B 9 -10.04 -27.32 -6.56
CA ASN B 9 -10.46 -26.69 -5.31
C ASN B 9 -10.70 -25.20 -5.45
N GLY B 10 -9.99 -24.52 -6.34
CA GLY B 10 -10.20 -23.11 -6.54
C GLY B 10 -11.44 -22.82 -7.37
N TYR B 11 -11.69 -23.65 -8.38
CA TYR B 11 -12.90 -23.48 -9.18
C TYR B 11 -14.14 -23.79 -8.35
N HIS B 12 -14.07 -24.80 -7.49
CA HIS B 12 -15.22 -25.14 -6.65
C HIS B 12 -15.57 -24.01 -5.71
N GLU B 13 -14.56 -23.38 -5.10
CA GLU B 13 -14.80 -22.22 -4.27
C GLU B 13 -15.39 -21.07 -5.09
N TYR B 14 -14.90 -20.89 -6.31
CA TYR B 14 -15.44 -19.84 -7.18
C TYR B 14 -16.91 -20.07 -7.46
N ARG B 15 -17.29 -21.29 -7.83
CA ARG B 15 -18.69 -21.59 -8.11
C ARG B 15 -19.54 -21.55 -6.85
N ALA B 16 -18.94 -21.83 -5.68
CA ALA B 16 -19.67 -21.71 -4.43
C ALA B 16 -20.00 -20.26 -4.11
N ARG B 17 -19.04 -19.34 -4.36
CA ARG B 17 -19.30 -17.93 -4.12
C ARG B 17 -20.31 -17.39 -5.12
N LEU B 18 -20.22 -17.81 -6.38
CA LEU B 18 -21.20 -17.37 -7.37
C LEU B 18 -22.59 -17.92 -7.07
N GLN B 19 -22.67 -19.12 -6.50
CA GLN B 19 -23.96 -19.67 -6.10
C GLN B 19 -24.60 -18.80 -5.02
N ALA B 20 -23.80 -18.26 -4.11
CA ALA B 20 -24.35 -17.38 -3.07
C ALA B 20 -24.77 -16.05 -3.65
N LEU B 21 -24.04 -15.56 -4.66
CA LEU B 21 -24.29 -14.21 -5.16
C LEU B 21 -25.47 -14.17 -6.12
N LEU B 22 -25.59 -15.16 -7.01
CA LEU B 22 -26.60 -15.12 -8.06
C LEU B 22 -27.50 -16.36 -8.07
N ASP B 23 -27.41 -17.22 -7.06
CA ASP B 23 -28.20 -18.45 -6.97
C ASP B 23 -28.01 -19.33 -8.21
N ILE B 24 -26.81 -19.32 -8.77
CA ILE B 24 -26.45 -20.17 -9.90
C ILE B 24 -25.91 -21.48 -9.33
N PRO B 25 -26.54 -22.62 -9.63
CA PRO B 25 -26.08 -23.89 -9.04
C PRO B 25 -24.63 -24.17 -9.35
N GLU B 26 -23.95 -24.80 -8.38
CA GLU B 26 -22.53 -25.13 -8.55
C GLU B 26 -22.30 -25.97 -9.80
N LEU B 27 -23.14 -26.99 -10.01
CA LEU B 27 -22.97 -27.93 -11.10
C LEU B 27 -23.64 -27.46 -12.39
N ALA B 28 -24.21 -26.26 -12.42
CA ALA B 28 -24.82 -25.74 -13.63
C ALA B 28 -23.78 -25.56 -14.71
N SER B 29 -24.12 -25.98 -15.93
CA SER B 29 -23.20 -25.86 -17.05
C SER B 29 -23.05 -24.39 -17.46
N ASP B 30 -21.97 -24.12 -18.20
CA ASP B 30 -21.73 -22.76 -18.68
C ASP B 30 -22.84 -22.31 -19.64
N PHE B 31 -23.40 -23.23 -20.43
CA PHE B 31 -24.52 -22.88 -21.29
C PHE B 31 -25.75 -22.53 -20.46
N GLU B 32 -25.96 -23.24 -19.36
CA GLU B 32 -27.07 -22.91 -18.47
C GLU B 32 -26.88 -21.54 -17.84
N ILE B 33 -25.64 -21.21 -17.48
CA ILE B 33 -25.35 -19.89 -16.92
C ILE B 33 -25.69 -18.81 -17.94
N HIS B 34 -25.30 -19.02 -19.20
CA HIS B 34 -25.67 -18.06 -20.24
C HIS B 34 -27.18 -17.95 -20.39
N THR B 35 -27.88 -19.09 -20.34
CA THR B 35 -29.34 -19.07 -20.42
C THR B 35 -29.95 -18.26 -19.27
N ARG B 36 -29.39 -18.40 -18.06
CA ARG B 36 -29.92 -17.68 -16.92
C ARG B 36 -29.73 -16.18 -17.05
N ILE B 37 -28.66 -15.75 -17.72
CA ILE B 37 -28.44 -14.32 -17.92
C ILE B 37 -29.40 -13.76 -18.97
N THR B 38 -29.58 -14.47 -20.08
CA THR B 38 -30.53 -14.03 -21.10
C THR B 38 -31.96 -14.06 -20.59
N ASP B 39 -32.27 -15.00 -19.69
CA ASP B 39 -33.60 -15.04 -19.10
C ASP B 39 -33.85 -13.83 -18.20
N GLY B 40 -32.79 -13.28 -17.60
CA GLY B 40 -32.92 -12.09 -16.77
C GLY B 40 -32.94 -12.39 -15.30
N PHE B 41 -32.15 -11.66 -14.53
CA PHE B 41 -32.15 -11.77 -13.08
C PHE B 41 -33.22 -10.86 -12.49
N ALA B 42 -33.78 -11.30 -11.36
CA ALA B 42 -34.79 -10.49 -10.69
C ALA B 42 -34.20 -9.15 -10.29
N ALA B 43 -34.95 -8.07 -10.56
CA ALA B 43 -34.54 -6.77 -10.08
C ALA B 43 -34.54 -6.72 -8.56
N THR B 44 -35.38 -7.55 -7.93
CA THR B 44 -35.37 -7.70 -6.48
C THR B 44 -33.99 -8.11 -5.97
N TRP B 45 -33.28 -8.93 -6.76
CA TRP B 45 -31.95 -9.37 -6.38
CA TRP B 45 -31.95 -9.37 -6.38
C TRP B 45 -31.02 -8.18 -6.17
N LEU B 46 -30.88 -7.34 -7.20
CA LEU B 46 -29.95 -6.22 -7.16
C LEU B 46 -30.15 -5.33 -5.93
N VAL B 47 -31.36 -5.31 -5.38
CA VAL B 47 -31.61 -4.56 -4.16
C VAL B 47 -31.04 -5.28 -2.95
N LYS B 48 -31.28 -6.59 -2.84
CA LYS B 48 -30.76 -7.34 -1.71
C LYS B 48 -29.23 -7.39 -1.71
N LEU B 49 -28.60 -7.32 -2.87
CA LEU B 49 -27.14 -7.33 -2.90
C LEU B 49 -26.59 -6.00 -2.40
N THR B 50 -27.27 -4.90 -2.72
CA THR B 50 -26.89 -3.62 -2.13
C THR B 50 -27.15 -3.60 -0.63
N GLU B 51 -28.22 -4.26 -0.16
CA GLU B 51 -28.50 -4.31 1.27
C GLU B 51 -27.34 -4.97 2.02
N ARG B 52 -26.77 -6.03 1.45
CA ARG B 52 -25.79 -6.84 2.15
C ARG B 52 -24.37 -6.29 2.03
N GLY B 53 -24.19 -5.12 1.42
CA GLY B 53 -22.88 -4.58 1.18
C GLY B 53 -22.09 -5.25 0.08
N VAL B 54 -22.68 -6.21 -0.63
CA VAL B 54 -22.00 -6.80 -1.78
C VAL B 54 -21.76 -5.75 -2.84
N LEU B 55 -22.76 -4.91 -3.09
CA LEU B 55 -22.64 -3.80 -4.02
C LEU B 55 -22.88 -2.48 -3.30
N THR B 56 -22.17 -1.45 -3.75
CA THR B 56 -22.45 -0.09 -3.34
C THR B 56 -23.49 0.52 -4.26
N PRO B 57 -24.14 1.62 -3.85
CA PRO B 57 -25.06 2.29 -4.77
C PRO B 57 -24.41 2.68 -6.09
N VAL B 58 -23.13 3.06 -6.06
CA VAL B 58 -22.44 3.46 -7.28
C VAL B 58 -22.26 2.27 -8.22
N GLU B 59 -21.85 1.12 -7.66
CA GLU B 59 -21.76 -0.09 -8.49
C GLU B 59 -23.14 -0.52 -8.98
N ARG B 60 -24.16 -0.35 -8.15
CA ARG B 60 -25.52 -0.66 -8.57
C ARG B 60 -25.97 0.21 -9.73
N ASP B 61 -25.70 1.51 -9.64
CA ASP B 61 -26.04 2.42 -10.74
C ASP B 61 -25.26 2.08 -12.00
N GLN B 62 -24.06 1.52 -11.86
CA GLN B 62 -23.30 1.07 -13.02
C GLN B 62 -24.03 -0.07 -13.73
N ILE B 63 -24.69 -0.94 -12.98
CA ILE B 63 -25.43 -2.04 -13.58
C ILE B 63 -26.71 -1.53 -14.22
N ILE B 64 -27.46 -0.70 -13.50
CA ILE B 64 -28.72 -0.16 -13.98
C ILE B 64 -28.96 1.21 -13.34
N PRO B 65 -29.46 2.20 -14.10
CA PRO B 65 -29.83 3.47 -13.47
C PRO B 65 -30.90 3.26 -12.42
N LEU B 66 -30.89 4.15 -11.40
CA LEU B 66 -31.80 3.98 -10.27
C LEU B 66 -33.26 4.11 -10.70
N ARG B 67 -33.56 5.11 -11.53
CA ARG B 67 -34.94 5.29 -12.00
C ARG B 67 -35.41 4.07 -12.78
N THR B 68 -34.53 3.49 -13.59
CA THR B 68 -34.89 2.29 -14.33
C THR B 68 -35.10 1.11 -13.39
N LEU B 69 -34.23 0.99 -12.36
CA LEU B 69 -34.35 -0.12 -11.42
C LEU B 69 -35.66 -0.04 -10.64
N LYS B 70 -36.04 1.15 -10.18
CA LYS B 70 -37.29 1.28 -9.43
C LYS B 70 -38.50 0.94 -10.29
N SER B 71 -38.44 1.23 -11.59
CA SER B 71 -39.53 0.86 -12.48
C SER B 71 -39.63 -0.64 -12.65
N ARG B 72 -38.47 -1.32 -12.75
CA ARG B 72 -38.47 -2.77 -12.87
C ARG B 72 -39.17 -3.43 -11.69
N ILE B 73 -38.91 -2.93 -10.48
CA ILE B 73 -39.52 -3.52 -9.29
C ILE B 73 -41.01 -3.22 -9.25
N GLU B 74 -41.41 -2.00 -9.60
CA GLU B 74 -42.81 -1.62 -9.49
C GLU B 74 -43.66 -2.28 -10.57
N ARG B 75 -43.10 -2.56 -11.74
CA ARG B 75 -43.83 -3.26 -12.79
C ARG B 75 -43.57 -4.75 -12.81
N ASP B 76 -42.81 -5.27 -11.84
CA ASP B 76 -42.45 -6.69 -11.76
C ASP B 76 -41.85 -7.16 -13.09
N GLN B 77 -40.67 -6.61 -13.38
CA GLN B 77 -39.99 -6.96 -14.59
C GLN B 77 -38.62 -7.54 -14.28
N PRO B 78 -38.22 -8.62 -14.96
CA PRO B 78 -36.84 -9.09 -14.84
C PRO B 78 -35.89 -8.08 -15.48
N LEU B 79 -34.65 -8.07 -15.00
CA LEU B 79 -33.64 -7.23 -15.61
C LEU B 79 -33.42 -7.66 -17.06
N THR B 80 -33.08 -6.68 -17.90
CA THR B 80 -32.81 -6.98 -19.30
C THR B 80 -31.52 -7.80 -19.42
N VAL B 81 -31.28 -8.30 -20.63
CA VAL B 81 -30.07 -9.10 -20.85
C VAL B 81 -28.82 -8.26 -20.61
N ASP B 82 -28.83 -6.99 -21.03
CA ASP B 82 -27.67 -6.14 -20.82
C ASP B 82 -27.49 -5.80 -19.34
N GLU B 83 -28.59 -5.51 -18.66
CA GLU B 83 -28.51 -5.26 -17.21
C GLU B 83 -28.12 -6.52 -16.46
N SER B 84 -28.59 -7.68 -16.91
CA SER B 84 -28.26 -8.94 -16.23
C SER B 84 -26.80 -9.32 -16.44
N ASP B 85 -26.26 -9.07 -17.63
CA ASP B 85 -24.88 -9.43 -17.90
C ASP B 85 -23.92 -8.52 -17.14
N ARG B 86 -24.24 -7.22 -17.04
CA ARG B 86 -23.42 -6.33 -16.23
C ARG B 86 -23.50 -6.71 -14.76
N LEU B 87 -24.67 -7.17 -14.31
CA LEU B 87 -24.76 -7.75 -12.98
C LEU B 87 -23.91 -9.00 -12.86
N PHE B 88 -23.94 -9.85 -13.89
CA PHE B 88 -23.11 -11.07 -13.87
C PHE B 88 -21.64 -10.71 -13.83
N ARG B 89 -21.24 -9.64 -14.52
CA ARG B 89 -19.84 -9.22 -14.50
C ARG B 89 -19.36 -8.97 -13.07
N SER B 90 -20.17 -8.25 -12.29
CA SER B 90 -19.77 -7.93 -10.92
C SER B 90 -19.73 -9.17 -10.04
N ALA B 91 -20.75 -10.02 -10.13
CA ALA B 91 -20.76 -11.24 -9.35
C ALA B 91 -19.65 -12.19 -9.78
N HIS B 92 -19.36 -12.23 -11.09
CA HIS B 92 -18.29 -13.09 -11.59
C HIS B 92 -16.93 -12.66 -11.04
N ILE B 93 -16.64 -11.36 -11.08
CA ILE B 93 -15.36 -10.87 -10.59
C ILE B 93 -15.29 -10.97 -9.07
N THR B 94 -16.41 -10.70 -8.39
CA THR B 94 -16.43 -10.83 -6.93
C THR B 94 -16.17 -12.26 -6.49
N ALA B 95 -16.80 -13.22 -7.17
CA ALA B 95 -16.63 -14.62 -6.80
C ALA B 95 -15.21 -15.10 -7.07
N MET B 96 -14.62 -14.68 -8.18
CA MET B 96 -13.25 -15.08 -8.48
C MET B 96 -12.26 -14.40 -7.54
N ALA B 97 -12.47 -13.13 -7.23
CA ALA B 97 -11.60 -12.44 -6.29
C ALA B 97 -11.70 -13.07 -4.91
N GLU B 98 -12.89 -13.51 -4.51
CA GLU B 98 -13.02 -14.19 -3.22
C GLU B 98 -12.34 -15.55 -3.23
N ALA B 99 -12.32 -16.23 -4.38
CA ALA B 99 -11.63 -17.51 -4.45
C ALA B 99 -10.11 -17.32 -4.43
N VAL B 100 -9.61 -16.27 -5.06
CA VAL B 100 -8.17 -16.03 -5.11
C VAL B 100 -7.67 -15.49 -3.76
N PHE B 101 -8.39 -14.53 -3.17
CA PHE B 101 -7.95 -13.94 -1.92
C PHE B 101 -8.32 -14.77 -0.70
N GLY B 102 -9.33 -15.63 -0.81
CA GLY B 102 -9.74 -16.48 0.28
C GLY B 102 -10.62 -15.84 1.32
N GLU B 103 -10.67 -14.51 1.38
CA GLU B 103 -11.52 -13.79 2.32
C GLU B 103 -12.36 -12.78 1.55
N ALA B 104 -13.63 -12.65 1.96
CA ALA B 104 -14.49 -11.67 1.32
C ALA B 104 -14.00 -10.25 1.58
N GLY B 105 -13.52 -9.98 2.79
CA GLY B 105 -13.05 -8.63 3.12
C GLY B 105 -11.83 -8.24 2.30
N LYS B 106 -10.86 -9.14 2.21
CA LYS B 106 -9.66 -8.84 1.42
C LYS B 106 -9.99 -8.62 -0.04
N ALA B 107 -10.89 -9.44 -0.60
CA ALA B 107 -11.21 -9.35 -2.01
C ALA B 107 -11.92 -8.05 -2.35
N LYS B 108 -12.91 -7.66 -1.54
CA LYS B 108 -13.68 -6.46 -1.85
C LYS B 108 -12.82 -5.21 -1.72
N ARG B 109 -11.91 -5.17 -0.75
CA ARG B 109 -11.01 -4.03 -0.61
C ARG B 109 -10.11 -3.90 -1.83
N TRP B 110 -9.50 -5.02 -2.25
CA TRP B 110 -8.64 -5.00 -3.43
C TRP B 110 -9.42 -4.58 -4.67
N LEU B 111 -10.66 -5.05 -4.81
CA LEU B 111 -11.49 -4.67 -5.94
C LEU B 111 -11.89 -3.20 -5.92
N SER B 112 -11.87 -2.57 -4.74
CA SER B 112 -12.28 -1.18 -4.60
C SER B 112 -11.12 -0.20 -4.53
N LYS B 113 -9.88 -0.69 -4.68
CA LYS B 113 -8.77 0.26 -4.56
C LYS B 113 -8.22 0.61 -5.94
N PRO B 114 -7.77 1.85 -6.12
CA PRO B 114 -7.20 2.25 -7.41
C PRO B 114 -5.98 1.41 -7.75
N LYS B 115 -5.76 1.22 -9.06
CA LYS B 115 -4.65 0.42 -9.55
C LYS B 115 -3.86 1.24 -10.56
N GLU B 116 -2.52 1.19 -10.42
CA GLU B 116 -1.67 1.87 -11.39
C GLU B 116 -1.76 1.21 -12.77
N ARG B 117 -2.05 -0.09 -12.81
CA ARG B 117 -2.26 -0.76 -14.09
C ARG B 117 -3.45 -0.17 -14.84
N PHE B 118 -4.46 0.31 -14.10
CA PHE B 118 -5.66 0.90 -14.69
C PHE B 118 -5.67 2.42 -14.58
N SER B 119 -4.48 3.04 -14.47
CA SER B 119 -4.34 4.50 -14.43
C SER B 119 -5.25 5.13 -13.37
N GLY B 120 -5.29 4.51 -12.19
CA GLY B 120 -6.06 5.05 -11.08
C GLY B 120 -7.47 4.52 -10.97
N LEU B 121 -7.97 3.79 -11.96
CA LEU B 121 -9.28 3.17 -11.86
C LEU B 121 -9.22 1.95 -10.95
N THR B 122 -10.31 1.71 -10.23
CA THR B 122 -10.43 0.49 -9.46
C THR B 122 -10.83 -0.66 -10.37
N PRO B 123 -10.54 -1.90 -9.97
CA PRO B 123 -11.01 -3.05 -10.76
C PRO B 123 -12.51 -3.05 -11.00
N MET B 124 -13.30 -2.60 -10.02
CA MET B 124 -14.75 -2.54 -10.20
C MET B 124 -15.13 -1.54 -11.29
N GLN B 125 -14.41 -0.42 -11.38
CA GLN B 125 -14.69 0.55 -12.43
C GLN B 125 -14.30 0.04 -13.81
N MET B 126 -13.49 -1.01 -13.89
CA MET B 126 -13.13 -1.62 -15.16
C MET B 126 -14.22 -2.53 -15.72
N LEU B 127 -15.25 -2.84 -14.93
CA LEU B 127 -16.33 -3.72 -15.37
C LEU B 127 -17.30 -3.04 -16.32
N THR B 128 -17.05 -1.78 -16.70
CA THR B 128 -17.91 -1.09 -17.66
C THR B 128 -17.81 -1.69 -19.05
N THR B 129 -16.73 -2.40 -19.35
CA THR B 129 -16.55 -3.05 -20.64
C THR B 129 -16.21 -4.53 -20.41
N GLN B 130 -16.52 -5.35 -21.41
CA GLN B 130 -16.14 -6.75 -21.35
C GLN B 130 -14.63 -6.91 -21.40
N GLN B 131 -13.96 -6.07 -22.20
CA GLN B 131 -12.50 -6.12 -22.26
C GLN B 131 -11.87 -5.68 -20.94
N GLY B 132 -12.50 -4.75 -20.24
CA GLY B 132 -11.99 -4.36 -18.92
C GLY B 132 -12.19 -5.45 -17.89
N THR B 133 -13.33 -6.15 -17.97
CA THR B 133 -13.55 -7.29 -17.08
C THR B 133 -12.49 -8.37 -17.30
N THR B 134 -12.08 -8.56 -18.55
CA THR B 134 -11.02 -9.53 -18.85
C THR B 134 -9.71 -9.11 -18.20
N GLN B 135 -9.41 -7.81 -18.17
CA GLN B 135 -8.18 -7.34 -17.56
C GLN B 135 -8.15 -7.66 -16.07
N VAL B 136 -9.30 -7.59 -15.40
CA VAL B 136 -9.35 -7.90 -13.98
C VAL B 136 -9.21 -9.40 -13.75
N GLU B 137 -9.87 -10.21 -14.59
CA GLU B 137 -9.71 -11.66 -14.51
C GLU B 137 -8.25 -12.06 -14.61
N GLU B 138 -7.54 -11.49 -15.58
CA GLU B 138 -6.14 -11.82 -15.79
C GLU B 138 -5.29 -11.44 -14.58
N MET B 139 -5.50 -10.24 -14.04
CA MET B 139 -4.75 -9.82 -12.86
C MET B 139 -5.01 -10.74 -11.69
N LEU B 140 -6.25 -11.21 -11.54
CA LEU B 140 -6.55 -12.17 -10.48
C LEU B 140 -5.85 -13.49 -10.71
N LEU B 141 -5.77 -13.93 -11.97
CA LEU B 141 -5.09 -15.19 -12.26
C LEU B 141 -3.58 -15.06 -12.10
N GLN B 142 -3.02 -13.87 -12.35
CA GLN B 142 -1.60 -13.66 -12.12
C GLN B 142 -1.26 -13.73 -10.63
N ILE B 143 -2.18 -13.28 -9.77
CA ILE B 143 -1.96 -13.40 -8.33
C ILE B 143 -1.93 -14.87 -7.92
N ALA B 144 -2.86 -15.67 -8.46
CA ALA B 144 -2.93 -17.08 -8.07
C ALA B 144 -1.67 -17.83 -8.50
N GLU B 145 -1.19 -17.59 -9.72
CA GLU B 145 -0.01 -18.26 -10.21
C GLU B 145 1.29 -17.60 -9.79
N GLY B 146 1.23 -16.39 -9.22
CA GLY B 146 2.44 -15.70 -8.82
C GLY B 146 3.22 -15.17 -10.00
N TYR B 147 2.53 -14.48 -10.91
CA TYR B 147 3.17 -13.89 -12.08
C TYR B 147 3.40 -12.39 -11.88
N GLY B 148 4.18 -12.07 -10.85
CA GLY B 148 4.54 -10.70 -10.57
C GLY B 148 6.00 -10.43 -10.82
N LEU B 149 6.51 -10.97 -11.93
CA LEU B 149 7.88 -10.77 -12.41
C LEU B 149 8.88 -11.62 -11.62
N MET C 1 -8.65 -11.02 -25.31
CA MET C 1 -7.62 -10.03 -25.61
C MET C 1 -6.23 -10.58 -25.24
N LEU C 2 -5.94 -10.79 -23.95
CA LEU C 2 -4.72 -11.52 -23.56
C LEU C 2 -4.95 -13.00 -23.31
N ALA C 3 -6.08 -13.54 -23.77
CA ALA C 3 -6.38 -14.96 -23.68
C ALA C 3 -5.91 -15.70 -24.92
N GLU C 4 -4.83 -15.20 -25.51
CA GLU C 4 -4.35 -15.57 -26.83
C GLU C 4 -2.96 -16.18 -26.81
N VAL C 5 -2.75 -17.17 -27.69
CA VAL C 5 -1.46 -17.79 -27.90
C VAL C 5 -1.25 -18.06 -29.39
N LEU C 6 -1.50 -19.31 -29.78
CA LEU C 6 -1.28 -19.83 -31.13
C LEU C 6 0.14 -19.54 -31.62
N ARG C 7 1.09 -20.17 -30.93
CA ARG C 7 2.53 -20.04 -31.18
C ARG C 7 2.94 -18.59 -31.46
N ASP C 8 2.53 -17.72 -30.53
CA ASP C 8 2.90 -16.30 -30.55
C ASP C 8 2.37 -15.51 -31.73
N ASN C 9 2.39 -16.10 -32.93
CA ASN C 9 2.01 -15.34 -34.12
C ASN C 9 0.51 -15.07 -34.12
N GLY C 10 -0.30 -16.12 -33.98
CA GLY C 10 -1.74 -16.03 -34.15
C GLY C 10 -2.31 -14.79 -33.48
N TYR C 11 -1.74 -14.42 -32.33
CA TYR C 11 -2.14 -13.19 -31.65
C TYR C 11 -1.83 -11.96 -32.48
N HIS C 12 -0.70 -11.97 -33.19
CA HIS C 12 -0.42 -10.85 -34.08
C HIS C 12 -1.44 -10.77 -35.20
N GLU C 13 -1.86 -11.92 -35.74
CA GLU C 13 -2.90 -11.91 -36.76
C GLU C 13 -4.20 -11.35 -36.19
N TYR C 14 -4.53 -11.74 -34.95
CA TYR C 14 -5.73 -11.20 -34.30
C TYR C 14 -5.63 -9.69 -34.14
N ARG C 15 -4.49 -9.20 -33.66
CA ARG C 15 -4.29 -7.77 -33.50
C ARG C 15 -4.28 -7.06 -34.84
N ALA C 16 -3.72 -7.70 -35.87
CA ALA C 16 -3.71 -7.10 -37.20
C ALA C 16 -5.12 -6.96 -37.75
N ARG C 17 -5.94 -8.01 -37.64
CA ARG C 17 -7.33 -7.92 -38.06
C ARG C 17 -8.10 -6.93 -37.19
N LEU C 18 -7.84 -6.94 -35.88
CA LEU C 18 -8.49 -5.98 -34.99
C LEU C 18 -8.11 -4.56 -35.33
N GLN C 19 -6.88 -4.36 -35.83
CA GLN C 19 -6.44 -3.03 -36.22
C GLN C 19 -7.08 -2.56 -37.53
N ALA C 20 -7.53 -3.50 -38.36
CA ALA C 20 -8.29 -3.13 -39.56
C ALA C 20 -9.73 -2.75 -39.22
N LEU C 21 -10.38 -3.53 -38.34
CA LEU C 21 -11.80 -3.35 -38.11
C LEU C 21 -12.12 -2.11 -37.28
N LEU C 22 -11.42 -1.91 -36.16
CA LEU C 22 -11.69 -0.75 -35.31
C LEU C 22 -10.51 0.21 -35.18
N ASP C 23 -9.54 0.15 -36.08
CA ASP C 23 -8.40 1.07 -36.05
C ASP C 23 -7.65 1.04 -34.73
N ILE C 24 -7.68 -0.09 -34.02
CA ILE C 24 -7.01 -0.23 -32.72
C ILE C 24 -5.58 -0.67 -32.98
N PRO C 25 -4.57 0.13 -32.61
CA PRO C 25 -3.19 -0.24 -32.92
C PRO C 25 -2.80 -1.56 -32.26
N GLU C 26 -1.97 -2.33 -32.97
CA GLU C 26 -1.50 -3.61 -32.44
C GLU C 26 -0.64 -3.41 -31.20
N LEU C 27 0.16 -2.33 -31.16
CA LEU C 27 1.02 -2.06 -30.02
C LEU C 27 0.29 -1.35 -28.88
N ALA C 28 -1.00 -1.11 -29.01
CA ALA C 28 -1.77 -0.50 -27.93
C ALA C 28 -1.89 -1.45 -26.75
N SER C 29 -1.70 -0.92 -25.55
CA SER C 29 -1.86 -1.72 -24.36
C SER C 29 -3.34 -1.97 -24.10
N ASP C 30 -3.61 -2.89 -23.15
CA ASP C 30 -4.99 -3.27 -22.84
C ASP C 30 -5.77 -2.08 -22.33
N PHE C 31 -5.17 -1.33 -21.42
CA PHE C 31 -5.88 -0.21 -20.83
C PHE C 31 -6.16 0.85 -21.88
N GLU C 32 -5.23 1.04 -22.81
CA GLU C 32 -5.48 1.96 -23.91
C GLU C 32 -6.64 1.46 -24.77
N ILE C 33 -6.76 0.14 -24.93
CA ILE C 33 -7.93 -0.42 -25.62
C ILE C 33 -9.20 -0.11 -24.85
N HIS C 34 -9.15 -0.27 -23.52
CA HIS C 34 -10.35 -0.04 -22.71
C HIS C 34 -10.72 1.44 -22.69
N THR C 35 -9.74 2.33 -22.72
CA THR C 35 -10.08 3.76 -22.77
C THR C 35 -10.65 4.15 -24.12
N ARG C 36 -10.21 3.51 -25.20
CA ARG C 36 -10.81 3.78 -26.51
C ARG C 36 -12.27 3.38 -26.52
N ILE C 37 -12.62 2.29 -25.86
CA ILE C 37 -14.02 1.89 -25.77
C ILE C 37 -14.80 2.88 -24.91
N THR C 38 -14.26 3.22 -23.74
CA THR C 38 -14.94 4.17 -22.86
C THR C 38 -14.97 5.57 -23.45
N ASP C 39 -13.97 5.93 -24.26
CA ASP C 39 -14.02 7.21 -24.97
C ASP C 39 -15.19 7.25 -25.94
N GLY C 40 -15.54 6.10 -26.52
CA GLY C 40 -16.62 6.04 -27.48
C GLY C 40 -16.12 5.99 -28.91
N PHE C 41 -16.53 4.98 -29.65
CA PHE C 41 -16.16 4.86 -31.05
C PHE C 41 -17.01 5.79 -31.90
N ALA C 42 -16.45 6.21 -33.02
CA ALA C 42 -17.19 7.07 -33.94
C ALA C 42 -18.41 6.35 -34.48
N ALA C 43 -19.53 7.06 -34.54
CA ALA C 43 -20.76 6.46 -35.04
C ALA C 43 -20.62 6.06 -36.51
N THR C 44 -19.85 6.82 -37.28
CA THR C 44 -19.64 6.49 -38.69
C THR C 44 -18.87 5.18 -38.85
N TRP C 45 -18.15 4.74 -37.82
CA TRP C 45 -17.42 3.47 -37.91
C TRP C 45 -18.35 2.31 -38.20
N LEU C 46 -19.56 2.35 -37.64
CA LEU C 46 -20.49 1.24 -37.78
C LEU C 46 -21.05 1.15 -39.21
N VAL C 47 -21.36 2.29 -39.82
CA VAL C 47 -21.83 2.29 -41.21
C VAL C 47 -20.79 1.68 -42.14
N LYS C 48 -19.52 2.05 -41.96
CA LYS C 48 -18.47 1.54 -42.85
C LYS C 48 -18.33 0.04 -42.75
N LEU C 49 -18.54 -0.52 -41.54
CA LEU C 49 -18.42 -1.96 -41.34
C LEU C 49 -19.35 -2.73 -42.27
N THR C 50 -20.60 -2.29 -42.39
CA THR C 50 -21.55 -2.96 -43.26
C THR C 50 -21.20 -2.75 -44.72
N GLU C 51 -20.79 -1.54 -45.09
CA GLU C 51 -20.36 -1.28 -46.46
C GLU C 51 -19.24 -2.24 -46.87
N ARG C 52 -18.31 -2.52 -45.97
CA ARG C 52 -17.28 -3.51 -46.23
C ARG C 52 -17.74 -4.94 -45.94
N GLY C 53 -19.00 -5.13 -45.54
CA GLY C 53 -19.56 -6.46 -45.40
C GLY C 53 -19.25 -7.19 -44.11
N VAL C 54 -18.63 -6.52 -43.14
CA VAL C 54 -18.27 -7.19 -41.89
C VAL C 54 -19.50 -7.46 -41.03
N LEU C 55 -20.51 -6.59 -41.05
CA LEU C 55 -21.67 -6.70 -40.17
C LEU C 55 -22.96 -6.74 -40.98
N THR C 56 -23.86 -7.68 -40.61
CA THR C 56 -25.24 -7.67 -41.09
C THR C 56 -25.90 -6.35 -40.75
N PRO C 57 -26.94 -5.92 -41.48
CA PRO C 57 -27.80 -4.85 -40.97
C PRO C 57 -28.37 -5.14 -39.59
N VAL C 58 -28.70 -6.39 -39.28
CA VAL C 58 -29.35 -6.69 -38.01
C VAL C 58 -28.37 -6.78 -36.85
N GLU C 59 -27.20 -7.41 -37.06
CA GLU C 59 -26.21 -7.40 -35.98
C GLU C 59 -25.78 -5.98 -35.64
N ARG C 60 -25.99 -5.04 -36.56
CA ARG C 60 -25.54 -3.67 -36.35
C ARG C 60 -26.47 -2.93 -35.38
N ASP C 61 -27.80 -2.98 -35.59
CA ASP C 61 -28.79 -2.62 -34.57
C ASP C 61 -28.91 -3.54 -33.37
N GLN C 62 -28.25 -4.70 -33.37
CA GLN C 62 -28.00 -5.30 -32.07
C GLN C 62 -27.10 -4.38 -31.26
N ILE C 63 -26.16 -3.71 -31.94
CA ILE C 63 -25.25 -2.79 -31.28
C ILE C 63 -25.95 -1.48 -30.95
N ILE C 64 -26.63 -0.88 -31.92
CA ILE C 64 -27.36 0.37 -31.72
C ILE C 64 -28.54 0.43 -32.69
N PRO C 65 -29.72 0.86 -32.26
CA PRO C 65 -30.81 1.06 -33.22
C PRO C 65 -30.43 2.08 -34.29
N LEU C 66 -31.11 2.00 -35.43
CA LEU C 66 -30.70 2.80 -36.58
C LEU C 66 -31.02 4.27 -36.39
N ARG C 67 -32.24 4.59 -35.94
CA ARG C 67 -32.64 5.99 -35.85
C ARG C 67 -31.75 6.76 -34.87
N THR C 68 -31.51 6.19 -33.69
CA THR C 68 -30.52 6.78 -32.79
C THR C 68 -29.17 6.88 -33.46
N LEU C 69 -28.76 5.85 -34.19
CA LEU C 69 -27.47 5.90 -34.88
C LEU C 69 -27.39 7.09 -35.83
N LYS C 70 -28.46 7.33 -36.59
CA LYS C 70 -28.47 8.48 -37.49
C LYS C 70 -28.50 9.79 -36.72
N SER C 71 -29.13 9.81 -35.55
CA SER C 71 -29.11 11.02 -34.72
C SER C 71 -27.70 11.33 -34.26
N ARG C 72 -26.95 10.29 -33.87
CA ARG C 72 -25.56 10.50 -33.48
C ARG C 72 -24.73 11.00 -34.65
N ILE C 73 -24.94 10.44 -35.84
CA ILE C 73 -24.21 10.89 -37.03
C ILE C 73 -24.52 12.36 -37.29
N GLU C 74 -25.81 12.72 -37.25
CA GLU C 74 -26.22 14.08 -37.55
C GLU C 74 -25.82 15.06 -36.45
N ARG C 75 -25.99 14.67 -35.19
CA ARG C 75 -25.60 15.51 -34.06
C ARG C 75 -24.13 15.35 -33.68
N ASP C 76 -23.35 14.64 -34.51
CA ASP C 76 -21.90 14.49 -34.33
C ASP C 76 -21.56 13.96 -32.94
N GLN C 77 -22.22 12.89 -32.55
CA GLN C 77 -22.00 12.32 -31.24
C GLN C 77 -21.28 10.97 -31.34
N PRO C 78 -20.38 10.68 -30.41
CA PRO C 78 -19.80 9.34 -30.35
C PRO C 78 -20.78 8.35 -29.76
N LEU C 79 -20.55 7.08 -30.06
CA LEU C 79 -21.38 6.03 -29.48
C LEU C 79 -21.10 5.95 -27.98
N THR C 80 -22.11 5.53 -27.23
CA THR C 80 -21.95 5.47 -25.78
C THR C 80 -21.07 4.28 -25.40
N VAL C 81 -20.75 4.20 -24.11
CA VAL C 81 -19.86 3.14 -23.63
C VAL C 81 -20.46 1.77 -23.89
N ASP C 82 -21.76 1.61 -23.63
CA ASP C 82 -22.40 0.32 -23.85
C ASP C 82 -22.47 -0.02 -25.33
N GLU C 83 -22.73 0.96 -26.19
CA GLU C 83 -22.73 0.70 -27.63
C GLU C 83 -21.32 0.44 -28.15
N SER C 84 -20.34 1.17 -27.63
CA SER C 84 -18.95 0.92 -28.02
C SER C 84 -18.49 -0.45 -27.54
N ASP C 85 -18.90 -0.86 -26.34
CA ASP C 85 -18.55 -2.19 -25.84
C ASP C 85 -19.10 -3.29 -26.72
N ARG C 86 -20.37 -3.16 -27.13
CA ARG C 86 -20.98 -4.17 -27.99
C ARG C 86 -20.31 -4.21 -29.36
N LEU C 87 -19.91 -3.05 -29.88
CA LEU C 87 -19.17 -3.02 -31.14
C LEU C 87 -17.82 -3.69 -31.02
N PHE C 88 -17.11 -3.44 -29.92
CA PHE C 88 -15.81 -4.09 -29.73
C PHE C 88 -15.96 -5.59 -29.61
N ARG C 89 -17.02 -6.05 -28.93
CA ARG C 89 -17.26 -7.47 -28.76
C ARG C 89 -17.46 -8.17 -30.11
N SER C 90 -18.18 -7.51 -31.03
CA SER C 90 -18.37 -8.09 -32.36
C SER C 90 -17.06 -8.11 -33.14
N ALA C 91 -16.32 -7.00 -33.12
CA ALA C 91 -15.05 -6.94 -33.83
C ALA C 91 -14.03 -7.88 -33.22
N HIS C 92 -14.05 -8.05 -31.89
CA HIS C 92 -13.10 -8.93 -31.23
C HIS C 92 -13.30 -10.37 -31.65
N ILE C 93 -14.55 -10.84 -31.63
CA ILE C 93 -14.83 -12.22 -32.05
C ILE C 93 -14.59 -12.38 -33.54
N THR C 94 -14.87 -11.35 -34.33
CA THR C 94 -14.61 -11.42 -35.77
C THR C 94 -13.11 -11.50 -36.05
N ALA C 95 -12.32 -10.68 -35.36
CA ALA C 95 -10.87 -10.75 -35.53
C ALA C 95 -10.33 -12.09 -35.06
N MET C 96 -10.88 -12.61 -33.95
CA MET C 96 -10.45 -13.93 -33.48
C MET C 96 -10.80 -15.01 -34.47
N ALA C 97 -12.06 -15.01 -34.95
CA ALA C 97 -12.49 -16.04 -35.90
C ALA C 97 -11.70 -15.98 -37.19
N GLU C 98 -11.41 -14.76 -37.67
CA GLU C 98 -10.58 -14.61 -38.85
C GLU C 98 -9.18 -15.15 -38.63
N ALA C 99 -8.66 -15.05 -37.40
CA ALA C 99 -7.33 -15.56 -37.10
C ALA C 99 -7.28 -17.08 -37.16
N VAL C 100 -8.27 -17.76 -36.57
CA VAL C 100 -8.26 -19.22 -36.54
C VAL C 100 -8.56 -19.79 -37.92
N PHE C 101 -9.63 -19.32 -38.55
CA PHE C 101 -10.01 -19.87 -39.85
C PHE C 101 -9.09 -19.41 -40.97
N GLY C 102 -8.59 -18.17 -40.90
CA GLY C 102 -7.66 -17.66 -41.87
C GLY C 102 -8.27 -16.88 -43.01
N GLU C 103 -9.60 -16.85 -43.13
CA GLU C 103 -10.27 -16.14 -44.20
C GLU C 103 -11.52 -15.48 -43.66
N ALA C 104 -11.83 -14.29 -44.17
CA ALA C 104 -12.96 -13.53 -43.65
C ALA C 104 -14.29 -14.21 -43.97
N GLY C 105 -14.43 -14.74 -45.20
CA GLY C 105 -15.68 -15.36 -45.59
C GLY C 105 -16.04 -16.56 -44.75
N LYS C 106 -15.07 -17.47 -44.56
CA LYS C 106 -15.32 -18.68 -43.80
C LYS C 106 -15.55 -18.36 -42.32
N ALA C 107 -14.80 -17.39 -41.77
CA ALA C 107 -15.00 -16.99 -40.39
C ALA C 107 -16.40 -16.41 -40.15
N LYS C 108 -16.86 -15.55 -41.06
CA LYS C 108 -18.17 -14.93 -40.88
C LYS C 108 -19.29 -15.95 -41.01
N ARG C 109 -19.15 -16.93 -41.89
CA ARG C 109 -20.21 -17.92 -42.03
C ARG C 109 -20.29 -18.78 -40.77
N TRP C 110 -19.15 -19.14 -40.20
CA TRP C 110 -19.15 -19.89 -38.95
C TRP C 110 -19.79 -19.10 -37.82
N LEU C 111 -19.54 -17.79 -37.76
CA LEU C 111 -20.12 -16.95 -36.71
C LEU C 111 -21.62 -16.79 -36.86
N SER C 112 -22.15 -16.92 -38.08
CA SER C 112 -23.57 -16.70 -38.32
C SER C 112 -24.40 -17.98 -38.37
N LYS C 113 -23.75 -19.19 -38.44
CA LYS C 113 -24.63 -20.35 -38.52
C LYS C 113 -24.96 -20.88 -37.14
N PRO C 114 -26.15 -21.48 -36.98
CA PRO C 114 -26.46 -22.14 -35.71
C PRO C 114 -25.49 -23.25 -35.41
N LYS C 115 -25.34 -23.56 -34.12
CA LYS C 115 -24.42 -24.59 -33.66
C LYS C 115 -25.13 -25.53 -32.71
N GLU C 116 -24.78 -26.82 -32.79
CA GLU C 116 -25.44 -27.84 -31.99
C GLU C 116 -25.03 -27.78 -30.53
N ARG C 117 -23.85 -27.25 -30.24
CA ARG C 117 -23.40 -27.09 -28.87
C ARG C 117 -24.05 -25.91 -28.17
N PHE C 118 -24.64 -24.98 -28.95
CA PHE C 118 -25.41 -23.88 -28.40
C PHE C 118 -26.92 -24.09 -28.54
N SER C 119 -27.35 -25.32 -28.80
CA SER C 119 -28.78 -25.67 -28.91
C SER C 119 -29.48 -24.85 -29.98
N GLY C 120 -28.84 -24.72 -31.14
CA GLY C 120 -29.41 -23.99 -32.24
C GLY C 120 -29.04 -22.52 -32.30
N LEU C 121 -28.38 -22.00 -31.27
CA LEU C 121 -27.95 -20.61 -31.28
C LEU C 121 -26.67 -20.47 -32.08
N THR C 122 -26.56 -19.35 -32.80
CA THR C 122 -25.35 -19.01 -33.52
C THR C 122 -24.33 -18.40 -32.55
N PRO C 123 -23.04 -18.43 -32.91
CA PRO C 123 -22.03 -17.77 -32.05
C PRO C 123 -22.30 -16.30 -31.80
N MET C 124 -22.85 -15.58 -32.79
CA MET C 124 -23.15 -14.17 -32.57
C MET C 124 -24.22 -13.95 -31.51
N GLN C 125 -25.22 -14.83 -31.42
CA GLN C 125 -26.20 -14.64 -30.36
C GLN C 125 -25.65 -15.00 -28.99
N MET C 126 -24.57 -15.80 -28.93
CA MET C 126 -23.93 -16.07 -27.66
C MET C 126 -23.12 -14.88 -27.14
N LEU C 127 -22.85 -13.87 -27.97
CA LEU C 127 -22.06 -12.73 -27.54
C LEU C 127 -22.88 -11.74 -26.71
N THR C 128 -24.15 -12.03 -26.45
CA THR C 128 -24.97 -11.14 -25.65
C THR C 128 -24.60 -11.19 -24.17
N THR C 129 -23.86 -12.22 -23.73
CA THR C 129 -23.52 -12.37 -22.32
C THR C 129 -22.05 -12.74 -22.18
N GLN C 130 -21.50 -12.42 -21.02
CA GLN C 130 -20.08 -12.66 -20.75
C GLN C 130 -19.75 -14.15 -20.85
N GLN C 131 -20.57 -14.99 -20.20
CA GLN C 131 -20.36 -16.43 -20.26
C GLN C 131 -20.49 -16.94 -21.69
N GLY C 132 -21.48 -16.42 -22.44
CA GLY C 132 -21.66 -16.87 -23.80
C GLY C 132 -20.47 -16.58 -24.70
N THR C 133 -19.86 -15.39 -24.53
CA THR C 133 -18.67 -15.07 -25.31
C THR C 133 -17.52 -16.01 -24.98
N THR C 134 -17.41 -16.42 -23.72
CA THR C 134 -16.37 -17.36 -23.32
C THR C 134 -16.57 -18.71 -24.02
N GLN C 135 -17.82 -19.15 -24.16
CA GLN C 135 -18.08 -20.42 -24.84
C GLN C 135 -17.68 -20.36 -26.31
N VAL C 136 -17.95 -19.23 -26.97
CA VAL C 136 -17.54 -19.08 -28.36
C VAL C 136 -16.02 -19.04 -28.48
N GLU C 137 -15.36 -18.32 -27.56
CA GLU C 137 -13.90 -18.23 -27.58
C GLU C 137 -13.26 -19.61 -27.41
N GLU C 138 -13.75 -20.40 -26.44
CA GLU C 138 -13.19 -21.73 -26.22
C GLU C 138 -13.39 -22.62 -27.43
N MET C 139 -14.59 -22.58 -28.03
CA MET C 139 -14.84 -23.35 -29.23
C MET C 139 -13.86 -22.98 -30.34
N LEU C 140 -13.59 -21.68 -30.50
CA LEU C 140 -12.61 -21.25 -31.49
C LEU C 140 -11.21 -21.72 -31.12
N LEU C 141 -10.87 -21.70 -29.83
CA LEU C 141 -9.58 -22.19 -29.39
C LEU C 141 -9.45 -23.69 -29.63
N GLN C 142 -10.50 -24.46 -29.32
CA GLN C 142 -10.47 -25.89 -29.63
C GLN C 142 -10.33 -26.12 -31.13
N ILE C 143 -10.93 -25.26 -31.94
CA ILE C 143 -10.77 -25.38 -33.40
C ILE C 143 -9.33 -25.08 -33.79
N ALA C 144 -8.72 -24.08 -33.17
CA ALA C 144 -7.33 -23.77 -33.44
C ALA C 144 -6.40 -24.90 -33.02
N GLU C 145 -6.73 -25.58 -31.92
CA GLU C 145 -5.91 -26.71 -31.49
C GLU C 145 -5.95 -27.86 -32.48
N GLY C 146 -6.95 -27.87 -33.37
CA GLY C 146 -7.05 -28.87 -34.41
C GLY C 146 -6.78 -28.31 -35.78
N TYR C 147 -6.28 -27.08 -35.89
CA TYR C 147 -5.92 -26.44 -37.16
C TYR C 147 -7.13 -26.40 -38.11
N GLY C 148 -8.09 -25.55 -37.75
CA GLY C 148 -9.26 -25.31 -38.56
C GLY C 148 -10.06 -26.57 -38.89
N LEU C 149 -10.74 -27.13 -37.89
CA LEU C 149 -11.53 -28.34 -38.08
C LEU C 149 -12.73 -28.12 -38.99
N MET D 1 30.99 -11.40 3.39
CA MET D 1 29.54 -11.46 3.33
C MET D 1 28.96 -10.14 2.83
N ILE D 2 27.74 -10.18 2.31
CA ILE D 2 27.08 -9.03 1.71
C ILE D 2 25.83 -8.70 2.51
N LEU D 3 25.71 -7.45 2.92
CA LEU D 3 24.53 -6.95 3.63
C LEU D 3 24.04 -5.69 2.95
N TRP D 4 22.77 -5.36 3.18
CA TRP D 4 22.12 -4.25 2.50
C TRP D 4 21.37 -3.37 3.49
N ARG D 5 21.51 -2.06 3.32
CA ARG D 5 20.79 -1.09 4.12
C ARG D 5 20.05 -0.12 3.21
N ILE D 6 18.81 0.20 3.59
CA ILE D 6 18.03 1.24 2.94
C ILE D 6 17.79 2.35 3.96
N SER D 7 18.32 3.53 3.67
CA SER D 7 18.18 4.68 4.55
C SER D 7 18.53 5.92 3.74
N ALA D 8 18.47 7.08 4.42
CA ALA D 8 18.82 8.34 3.78
C ALA D 8 20.33 8.63 3.84
N TYR D 9 21.13 7.68 4.30
CA TYR D 9 22.55 7.93 4.56
C TYR D 9 23.41 6.90 3.85
N ALA D 10 24.49 7.37 3.25
CA ALA D 10 25.50 6.51 2.63
C ALA D 10 26.66 6.21 3.57
N ASP D 11 26.36 6.02 4.86
CA ASP D 11 27.36 5.69 5.86
C ASP D 11 26.78 4.66 6.82
N LEU D 12 27.61 4.22 7.76
CA LEU D 12 27.20 3.23 8.77
C LEU D 12 27.36 3.79 10.18
N SER D 13 27.17 5.10 10.33
CA SER D 13 27.27 5.70 11.66
C SER D 13 26.08 5.32 12.52
N GLY D 14 24.88 5.31 11.96
CA GLY D 14 23.69 4.95 12.71
C GLY D 14 23.41 5.86 13.89
N THR D 15 23.75 7.16 13.77
CA THR D 15 23.61 8.08 14.88
C THR D 15 22.16 8.40 15.23
N GLY D 16 21.18 8.00 14.41
CA GLY D 16 19.79 8.29 14.73
C GLY D 16 19.25 7.46 15.87
N GLY D 17 19.91 6.36 16.21
CA GLY D 17 19.52 5.59 17.38
C GLY D 17 19.74 6.29 18.69
N LEU D 18 20.53 7.38 18.71
CA LEU D 18 20.66 8.19 19.90
C LEU D 18 19.34 8.88 20.24
N ARG D 19 18.54 9.20 19.23
CA ARG D 19 17.24 9.81 19.43
C ARG D 19 16.11 8.79 19.38
N VAL D 20 16.01 8.01 18.31
CA VAL D 20 14.83 7.21 18.04
C VAL D 20 15.12 5.74 18.32
N SER D 21 14.08 5.00 18.69
CA SER D 21 14.17 3.59 18.98
C SER D 21 13.70 2.76 17.78
N GLY D 22 13.88 1.44 17.90
CA GLY D 22 13.42 0.51 16.89
C GLY D 22 12.86 -0.75 17.52
N ALA D 23 12.63 -1.78 16.70
CA ALA D 23 12.12 -3.03 17.26
C ALA D 23 13.18 -3.77 18.05
N TRP D 24 14.46 -3.56 17.73
CA TRP D 24 15.56 -4.29 18.35
C TRP D 24 16.49 -3.38 19.16
N HIS D 25 16.02 -2.20 19.55
CA HIS D 25 16.86 -1.33 20.37
C HIS D 25 16.01 -0.21 20.94
N GLN D 26 16.43 0.29 22.10
CA GLN D 26 15.88 1.49 22.68
C GLN D 26 16.84 2.65 22.42
N ALA D 27 16.28 3.84 22.23
CA ALA D 27 17.07 5.02 21.90
C ALA D 27 18.17 5.27 22.93
N GLY D 28 19.27 5.86 22.47
CA GLY D 28 20.39 6.18 23.32
C GLY D 28 21.65 5.43 22.93
N ARG D 29 21.67 4.91 21.70
CA ARG D 29 22.77 4.07 21.25
C ARG D 29 22.80 4.07 19.73
N PRO D 30 23.97 4.12 19.11
CA PRO D 30 24.04 4.01 17.65
C PRO D 30 23.90 2.56 17.20
N VAL D 31 23.16 2.37 16.11
CA VAL D 31 22.90 1.03 15.59
C VAL D 31 22.45 1.16 14.15
N VAL D 32 22.74 0.14 13.35
CA VAL D 32 22.36 0.08 11.94
C VAL D 32 21.56 -1.19 11.71
N TYR D 33 20.38 -1.04 11.10
CA TYR D 33 19.58 -2.18 10.68
C TYR D 33 19.92 -2.54 9.24
N ALA D 34 20.09 -3.83 8.97
CA ALA D 34 20.47 -4.29 7.64
C ALA D 34 19.78 -5.61 7.34
N ALA D 35 19.80 -5.98 6.05
CA ALA D 35 19.20 -7.20 5.56
C ALA D 35 20.20 -7.95 4.68
N THR D 36 19.83 -9.17 4.32
CA THR D 36 20.70 -10.03 3.52
C THR D 36 20.47 -9.89 2.02
N SER D 37 19.44 -9.14 1.61
CA SER D 37 19.16 -8.94 0.19
C SER D 37 18.51 -7.58 0.03
N PRO D 38 18.66 -6.95 -1.15
CA PRO D 38 18.00 -5.66 -1.39
C PRO D 38 16.50 -5.72 -1.18
N PRO D 39 15.80 -6.75 -1.67
CA PRO D 39 14.36 -6.82 -1.36
C PRO D 39 14.07 -7.03 0.11
N GLY D 40 14.98 -7.70 0.84
CA GLY D 40 14.81 -7.82 2.27
C GLY D 40 14.78 -6.48 2.97
N ALA D 41 15.67 -5.57 2.56
CA ALA D 41 15.68 -4.23 3.14
C ALA D 41 14.48 -3.42 2.69
N MET D 42 14.10 -3.55 1.41
CA MET D 42 12.98 -2.77 0.89
C MET D 42 11.65 -3.20 1.51
N LEU D 43 11.43 -4.51 1.63
CA LEU D 43 10.15 -4.99 2.15
C LEU D 43 9.92 -4.55 3.59
N GLU D 44 10.97 -4.56 4.41
CA GLU D 44 10.82 -4.13 5.80
C GLU D 44 10.43 -2.67 5.89
N VAL D 45 11.06 -1.81 5.08
CA VAL D 45 10.77 -0.39 5.12
C VAL D 45 9.34 -0.12 4.68
N LEU D 46 8.92 -0.73 3.57
CA LEU D 46 7.60 -0.46 3.03
C LEU D 46 6.50 -0.93 3.97
N VAL D 47 6.67 -2.10 4.59
CA VAL D 47 5.60 -2.66 5.42
C VAL D 47 5.58 -2.01 6.79
N HIS D 48 6.75 -1.91 7.44
CA HIS D 48 6.77 -1.53 8.85
C HIS D 48 6.68 -0.02 9.06
N LEU D 49 7.16 0.78 8.11
CA LEU D 49 6.98 2.21 8.17
C LEU D 49 5.90 2.71 7.21
N GLU D 50 5.19 1.78 6.57
CA GLU D 50 3.93 2.07 5.87
C GLU D 50 4.11 3.13 4.78
N ILE D 51 4.98 2.81 3.82
CA ILE D 51 5.27 3.69 2.69
C ILE D 51 4.78 3.00 1.43
N ASP D 52 3.83 3.63 0.74
CA ASP D 52 3.40 3.12 -0.54
C ASP D 52 4.50 3.36 -1.58
N PRO D 53 4.55 2.53 -2.64
CA PRO D 53 5.62 2.70 -3.65
C PRO D 53 5.64 4.08 -4.27
N GLU D 54 4.47 4.69 -4.50
CA GLU D 54 4.45 6.03 -5.07
C GLU D 54 4.98 7.09 -4.11
N ASP D 55 5.12 6.75 -2.82
CA ASP D 55 5.62 7.68 -1.81
C ASP D 55 7.04 7.36 -1.37
N PHE D 56 7.71 6.42 -2.03
CA PHE D 56 9.06 6.05 -1.63
C PHE D 56 9.99 7.26 -1.76
N PRO D 57 10.66 7.68 -0.69
CA PRO D 57 11.42 8.93 -0.75
C PRO D 57 12.56 8.88 -1.75
N THR D 58 12.78 10.01 -2.41
CA THR D 58 13.94 10.18 -3.28
C THR D 58 15.25 10.27 -2.51
N THR D 59 15.18 10.45 -1.19
CA THR D 59 16.36 10.55 -0.35
C THR D 59 16.93 9.20 0.03
N MET D 60 16.20 8.11 -0.19
CA MET D 60 16.66 6.80 0.24
C MET D 60 17.80 6.32 -0.63
N ARG D 61 18.74 5.61 -0.01
CA ARG D 61 19.91 5.07 -0.69
C ARG D 61 20.04 3.60 -0.36
N LEU D 62 20.15 2.77 -1.39
CA LEU D 62 20.45 1.35 -1.20
C LEU D 62 21.96 1.21 -1.03
N LEU D 63 22.40 0.84 0.17
CA LEU D 63 23.82 0.77 0.49
C LEU D 63 24.23 -0.69 0.59
N ARG D 64 25.23 -1.07 -0.20
CA ARG D 64 25.77 -2.43 -0.20
C ARG D 64 26.92 -2.49 0.80
N ILE D 65 26.81 -3.37 1.79
CA ILE D 65 27.80 -3.47 2.86
C ILE D 65 28.60 -4.75 2.63
N GLU D 66 29.91 -4.58 2.40
CA GLU D 66 30.82 -5.70 2.20
C GLU D 66 31.64 -5.91 3.46
N LEU D 67 31.57 -7.11 4.03
CA LEU D 67 32.28 -7.47 5.23
C LEU D 67 33.02 -8.79 5.04
N PRO D 68 34.18 -8.96 5.67
CA PRO D 68 34.84 -10.26 5.60
C PRO D 68 34.02 -11.33 6.29
N ASP D 69 34.04 -12.54 5.72
CA ASP D 69 33.29 -13.65 6.30
C ASP D 69 33.75 -13.98 7.71
N THR D 70 34.94 -13.53 8.10
CA THR D 70 35.50 -13.77 9.42
C THR D 70 35.02 -12.79 10.48
N VAL D 71 34.01 -11.98 10.18
CA VAL D 71 33.57 -10.94 11.10
C VAL D 71 32.82 -11.56 12.27
N SER D 72 32.87 -10.89 13.42
CA SER D 72 32.31 -11.43 14.64
C SER D 72 30.78 -11.34 14.63
N GLN D 73 30.13 -12.44 14.98
CA GLN D 73 28.68 -12.53 15.00
C GLN D 73 28.23 -13.02 16.37
N ALA D 74 27.29 -12.32 16.97
CA ALA D 74 26.68 -12.74 18.22
C ALA D 74 25.49 -13.66 17.90
N GLN D 75 24.76 -14.08 18.93
CA GLN D 75 23.63 -14.98 18.76
C GLN D 75 22.51 -14.55 19.68
N LEU D 76 21.28 -14.73 19.20
CA LEU D 76 20.11 -14.49 20.03
C LEU D 76 19.81 -15.73 20.88
N PRO D 77 19.24 -15.55 22.07
CA PRO D 77 18.65 -16.69 22.78
C PRO D 77 17.40 -17.16 22.06
N ALA D 78 16.98 -18.38 22.38
CA ALA D 78 15.81 -18.95 21.75
C ALA D 78 14.58 -18.09 22.05
N LEU D 79 13.79 -17.82 21.01
CA LEU D 79 12.59 -16.99 21.12
C LEU D 79 11.36 -17.87 21.06
N GLN D 80 10.49 -17.72 22.06
CA GLN D 80 9.23 -18.46 22.08
C GLN D 80 8.19 -17.73 21.22
N PRO D 81 7.14 -18.44 20.78
CA PRO D 81 6.13 -17.81 19.93
C PRO D 81 5.51 -16.59 20.61
N GLY D 82 5.16 -15.61 19.79
CA GLY D 82 4.67 -14.34 20.27
C GLY D 82 5.74 -13.28 20.49
N TRP D 83 6.99 -13.58 20.14
CA TRP D 83 8.07 -12.61 20.35
C TRP D 83 7.89 -11.37 19.49
N SER D 84 7.28 -11.52 18.31
CA SER D 84 7.11 -10.37 17.41
C SER D 84 6.14 -9.34 17.97
N ALA D 85 5.35 -9.70 18.99
CA ALA D 85 4.41 -8.78 19.62
C ALA D 85 4.87 -8.37 21.02
N GLN D 86 6.17 -8.47 21.31
CA GLN D 86 6.73 -8.12 22.61
C GLN D 86 7.88 -7.15 22.39
N PRO D 87 7.59 -5.86 22.20
CA PRO D 87 8.68 -4.90 21.96
C PRO D 87 9.65 -4.80 23.12
N GLU D 88 9.18 -4.98 24.36
CA GLU D 88 10.06 -4.86 25.51
C GLU D 88 11.15 -5.93 25.50
N LEU D 89 10.82 -7.13 25.01
CA LEU D 89 11.81 -8.21 24.97
C LEU D 89 12.79 -8.00 23.82
N THR D 90 12.29 -7.73 22.62
CA THR D 90 13.17 -7.56 21.48
C THR D 90 14.07 -6.33 21.62
N ARG D 91 13.58 -5.27 22.25
CA ARG D 91 14.42 -4.10 22.48
C ARG D 91 15.49 -4.39 23.52
N THR D 92 15.15 -5.18 24.54
CA THR D 92 16.12 -5.51 25.58
C THR D 92 17.22 -6.42 25.02
N LEU D 93 16.85 -7.39 24.17
CA LEU D 93 17.85 -8.27 23.58
C LEU D 93 18.85 -7.49 22.74
N GLY D 94 18.37 -6.53 21.95
CA GLY D 94 19.27 -5.74 21.14
C GLY D 94 20.10 -4.78 21.97
N ASN D 95 19.51 -4.20 23.02
CA ASN D 95 20.25 -3.32 23.92
C ASN D 95 21.46 -4.04 24.52
N ARG D 96 21.23 -5.25 25.02
CA ARG D 96 22.31 -5.99 25.66
C ARG D 96 23.39 -6.39 24.65
N PHE D 97 22.98 -6.75 23.43
CA PHE D 97 23.98 -7.04 22.39
C PHE D 97 24.83 -5.83 22.07
N LEU D 98 24.19 -4.66 21.93
CA LEU D 98 24.92 -3.45 21.58
C LEU D 98 25.77 -2.95 22.76
N ASP D 99 25.23 -3.02 23.98
CA ASP D 99 25.97 -2.55 25.14
C ASP D 99 27.18 -3.43 25.42
N ASP D 100 27.03 -4.75 25.30
CA ASP D 100 28.13 -5.64 25.59
C ASP D 100 29.27 -5.50 24.60
N CYS D 101 28.95 -5.10 23.36
CA CYS D 101 29.96 -4.88 22.31
C CYS D 101 30.80 -6.13 22.08
N SER D 102 30.17 -7.30 22.18
CA SER D 102 30.89 -8.56 22.05
C SER D 102 31.19 -8.89 20.59
N ALA D 103 30.26 -8.56 19.68
CA ALA D 103 30.43 -8.87 18.27
C ALA D 103 29.90 -7.71 17.44
N LEU D 104 30.31 -7.67 16.17
CA LEU D 104 29.87 -6.60 15.28
C LEU D 104 28.43 -6.81 14.84
N LEU D 105 28.05 -8.04 14.52
CA LEU D 105 26.75 -8.33 13.94
C LEU D 105 25.91 -9.19 14.88
N LEU D 106 24.60 -9.01 14.80
CA LEU D 106 23.65 -9.84 15.53
C LEU D 106 22.52 -10.21 14.57
N PRO D 107 22.48 -11.47 14.11
CA PRO D 107 21.37 -11.87 13.23
C PRO D 107 20.08 -12.01 14.01
N VAL D 108 19.00 -11.44 13.46
CA VAL D 108 17.69 -11.50 14.09
C VAL D 108 16.67 -12.00 13.08
N PRO D 109 15.64 -12.72 13.52
CA PRO D 109 14.62 -13.19 12.57
C PRO D 109 13.76 -12.05 12.06
N SER D 110 13.19 -12.25 10.88
CA SER D 110 12.26 -11.29 10.32
C SER D 110 10.86 -11.53 10.87
N ALA D 111 10.17 -10.44 11.18
CA ALA D 111 8.80 -10.53 11.67
C ALA D 111 7.78 -10.60 10.54
N ILE D 112 8.22 -10.52 9.29
CA ILE D 112 7.33 -10.51 8.13
C ILE D 112 7.43 -11.81 7.35
N MET D 113 8.65 -12.25 7.04
CA MET D 113 8.82 -13.41 6.18
C MET D 113 9.44 -14.57 6.96
N PRO D 114 8.98 -15.79 6.73
CA PRO D 114 9.70 -16.95 7.27
C PRO D 114 11.01 -17.16 6.53
N SER D 115 11.94 -17.83 7.23
CA SER D 115 13.25 -18.17 6.66
C SER D 115 13.99 -16.94 6.15
N THR D 116 13.83 -15.83 6.84
CA THR D 116 14.47 -14.57 6.48
C THR D 116 15.17 -14.01 7.70
N THR D 117 16.44 -13.63 7.53
CA THR D 117 17.27 -13.15 8.63
C THR D 117 17.72 -11.72 8.35
N ASN D 118 17.46 -10.84 9.30
CA ASN D 118 17.99 -9.48 9.28
C ASN D 118 19.17 -9.39 10.24
N TYR D 119 19.84 -8.23 10.24
CA TYR D 119 21.07 -8.07 10.99
C TYR D 119 21.11 -6.75 11.72
N LEU D 120 21.65 -6.77 12.93
CA LEU D 120 22.00 -5.56 13.67
C LEU D 120 23.50 -5.32 13.55
N PHE D 121 23.87 -4.07 13.30
CA PHE D 121 25.26 -3.67 13.07
C PHE D 121 25.65 -2.64 14.12
N ASN D 122 26.65 -2.98 14.94
CA ASN D 122 27.08 -2.09 16.01
C ASN D 122 28.25 -1.25 15.52
N PRO D 123 28.05 0.05 15.26
CA PRO D 123 29.17 0.88 14.78
C PRO D 123 30.26 1.07 15.82
N ARG D 124 29.93 0.99 17.11
CA ARG D 124 30.93 1.17 18.15
C ARG D 124 31.90 0.00 18.27
N HIS D 125 31.58 -1.14 17.66
CA HIS D 125 32.48 -2.28 17.67
C HIS D 125 33.72 -1.95 16.82
N PRO D 126 34.90 -2.42 17.22
CA PRO D 126 36.11 -2.11 16.45
C PRO D 126 36.08 -2.63 15.02
N GLN D 127 35.50 -3.82 14.80
CA GLN D 127 35.44 -4.39 13.47
C GLN D 127 34.54 -3.62 12.51
N ALA D 128 33.84 -2.60 12.98
CA ALA D 128 32.98 -1.82 12.10
C ALA D 128 33.78 -1.09 11.04
N GLN D 129 35.05 -0.78 11.33
CA GLN D 129 35.89 -0.09 10.36
C GLN D 129 36.25 -0.98 9.17
N SER D 130 36.05 -2.29 9.27
CA SER D 130 36.38 -3.20 8.19
C SER D 130 35.32 -3.28 7.11
N ALA D 131 34.29 -2.44 7.19
CA ALA D 131 33.20 -2.49 6.22
C ALA D 131 33.55 -1.69 4.97
N LYS D 132 33.23 -2.25 3.82
CA LYS D 132 33.33 -1.57 2.54
C LYS D 132 31.91 -1.32 2.03
N ILE D 133 31.57 -0.07 1.80
CA ILE D 133 30.20 0.30 1.44
C ILE D 133 30.19 0.93 0.06
N GLN D 134 29.05 0.78 -0.62
CA GLN D 134 28.87 1.31 -1.97
C GLN D 134 27.39 1.51 -2.20
N VAL D 135 27.02 2.68 -2.74
CA VAL D 135 25.63 2.97 -3.04
C VAL D 135 25.29 2.39 -4.41
N GLU D 136 24.23 1.59 -4.46
CA GLU D 136 23.68 1.08 -5.72
C GLU D 136 22.50 1.95 -6.09
N ASP D 137 22.65 2.76 -7.13
CA ASP D 137 21.64 3.73 -7.50
C ASP D 137 20.37 3.04 -7.99
N PHE D 138 19.23 3.65 -7.69
CA PHE D 138 17.97 3.24 -8.31
C PHE D 138 17.89 3.85 -9.70
N THR D 139 17.73 2.99 -10.70
CA THR D 139 17.67 3.37 -12.10
C THR D 139 16.24 3.21 -12.64
N PRO D 140 15.94 3.79 -13.80
CA PRO D 140 14.62 3.57 -14.40
C PRO D 140 14.26 2.10 -14.57
N ASP D 141 15.25 1.22 -14.68
CA ASP D 141 15.01 -0.21 -14.80
C ASP D 141 15.12 -0.95 -13.47
N SER D 142 15.17 -0.21 -12.36
CA SER D 142 15.31 -0.85 -11.04
C SER D 142 14.78 0.15 -9.99
N ARG D 143 13.46 0.28 -9.93
CA ARG D 143 12.82 1.15 -8.96
C ARG D 143 11.35 0.77 -8.87
N LEU D 144 10.74 1.11 -7.73
CA LEU D 144 9.34 0.83 -7.49
C LEU D 144 8.46 1.80 -8.25
N PHE D 145 7.18 1.44 -8.37
CA PHE D 145 6.15 2.31 -8.93
C PHE D 145 6.46 2.73 -10.36
N MET E 1 14.79 18.81 15.32
CA MET E 1 16.10 19.19 15.82
C MET E 1 17.18 18.59 14.90
N LEU E 2 18.47 18.82 15.18
CA LEU E 2 19.47 18.90 14.11
C LEU E 2 20.62 17.89 14.16
N ALA E 3 20.65 16.97 15.13
CA ALA E 3 21.74 15.98 15.17
C ALA E 3 21.33 14.71 14.42
N GLU E 4 20.29 14.01 14.89
CA GLU E 4 19.77 12.84 14.19
C GLU E 4 19.47 13.17 12.73
N VAL E 5 18.75 14.26 12.49
CA VAL E 5 18.55 14.77 11.14
C VAL E 5 19.76 15.64 10.83
N LEU E 6 20.63 15.13 9.95
CA LEU E 6 21.94 15.72 9.79
C LEU E 6 21.86 17.10 9.12
N ARG E 7 22.90 17.89 9.32
CA ARG E 7 22.88 19.29 8.94
C ARG E 7 23.02 19.49 7.43
N ASP E 8 23.81 18.65 6.77
CA ASP E 8 24.13 18.86 5.36
C ASP E 8 22.87 18.97 4.52
N ASN E 9 21.97 17.99 4.64
CA ASN E 9 20.69 18.02 3.94
C ASN E 9 19.57 18.31 4.92
N GLY E 10 19.30 17.40 5.86
CA GLY E 10 18.09 17.42 6.65
C GLY E 10 17.71 18.72 7.35
N TYR E 11 18.52 19.16 8.30
CA TYR E 11 18.10 20.26 9.17
C TYR E 11 17.93 21.56 8.40
N HIS E 12 18.85 21.86 7.48
CA HIS E 12 18.67 23.04 6.65
C HIS E 12 17.41 22.92 5.81
N GLU E 13 17.20 21.76 5.19
CA GLU E 13 15.97 21.53 4.44
C GLU E 13 14.75 21.66 5.35
N TYR E 14 14.84 21.13 6.58
CA TYR E 14 13.74 21.27 7.53
C TYR E 14 13.50 22.74 7.86
N ARG E 15 14.58 23.48 8.16
CA ARG E 15 14.42 24.90 8.51
C ARG E 15 14.03 25.73 7.30
N ALA E 16 14.48 25.35 6.10
CA ALA E 16 14.15 26.13 4.90
C ALA E 16 12.67 26.02 4.57
N ARG E 17 12.10 24.81 4.61
CA ARG E 17 10.67 24.66 4.39
C ARG E 17 9.87 25.32 5.51
N LEU E 18 10.37 25.23 6.75
CA LEU E 18 9.71 25.91 7.86
C LEU E 18 9.72 27.42 7.67
N GLN E 19 10.79 27.95 7.07
CA GLN E 19 10.83 29.38 6.80
C GLN E 19 9.83 29.77 5.72
N ALA E 20 9.54 28.87 4.79
CA ALA E 20 8.54 29.16 3.76
C ALA E 20 7.12 29.00 4.28
N LEU E 21 6.91 28.14 5.28
CA LEU E 21 5.57 27.88 5.77
C LEU E 21 5.12 28.90 6.81
N LEU E 22 6.02 29.29 7.71
CA LEU E 22 5.67 30.14 8.84
C LEU E 22 6.51 31.40 8.94
N ASP E 23 7.35 31.70 7.95
CA ASP E 23 8.24 32.87 7.96
C ASP E 23 9.15 32.87 9.18
N ILE E 24 9.54 31.69 9.66
CA ILE E 24 10.45 31.56 10.78
C ILE E 24 11.87 31.52 10.23
N PRO E 25 12.72 32.51 10.55
CA PRO E 25 14.08 32.52 9.99
C PRO E 25 14.85 31.25 10.33
N GLU E 26 15.70 30.83 9.40
CA GLU E 26 16.44 29.58 9.57
C GLU E 26 17.39 29.66 10.75
N LEU E 27 18.02 30.81 10.95
CA LEU E 27 19.00 30.96 12.02
C LEU E 27 18.35 31.30 13.37
N ALA E 28 17.02 31.39 13.44
CA ALA E 28 16.37 31.70 14.69
C ALA E 28 16.53 30.54 15.67
N SER E 29 16.85 30.89 16.92
CA SER E 29 17.08 29.88 17.94
C SER E 29 15.76 29.23 18.36
N ASP E 30 15.87 28.16 19.15
CA ASP E 30 14.69 27.42 19.57
C ASP E 30 13.80 28.27 20.46
N PHE E 31 14.39 29.06 21.36
CA PHE E 31 13.60 29.93 22.21
C PHE E 31 12.93 31.04 21.40
N GLU E 32 13.59 31.52 20.34
CA GLU E 32 12.98 32.53 19.48
C GLU E 32 11.80 31.94 18.69
N ILE E 33 11.87 30.65 18.36
CA ILE E 33 10.73 29.98 17.75
C ILE E 33 9.57 29.94 18.73
N HIS E 34 9.86 29.59 19.99
CA HIS E 34 8.84 29.58 21.03
C HIS E 34 8.21 30.95 21.22
N THR E 35 9.05 32.00 21.19
CA THR E 35 8.53 33.35 21.33
C THR E 35 7.60 33.73 20.18
N ARG E 36 7.96 33.33 18.95
CA ARG E 36 7.11 33.63 17.80
C ARG E 36 5.75 32.94 17.92
N ILE E 37 5.72 31.73 18.50
CA ILE E 37 4.45 31.04 18.71
C ILE E 37 3.63 31.77 19.76
N THR E 38 4.25 32.11 20.89
CA THR E 38 3.53 32.82 21.94
C THR E 38 3.11 34.21 21.48
N ASP E 39 3.93 34.87 20.66
CA ASP E 39 3.56 36.18 20.14
C ASP E 39 2.36 36.10 19.20
N GLY E 40 2.10 34.94 18.61
CA GLY E 40 0.94 34.76 17.76
C GLY E 40 1.22 34.99 16.29
N PHE E 41 0.95 33.99 15.46
CA PHE E 41 1.12 34.15 14.02
C PHE E 41 -0.04 34.93 13.43
N ALA E 42 0.22 35.56 12.29
CA ALA E 42 -0.81 36.34 11.61
C ALA E 42 -1.91 35.43 11.08
N ALA E 43 -3.15 35.89 11.22
CA ALA E 43 -4.30 35.08 10.77
C ALA E 43 -4.29 34.88 9.26
N THR E 44 -3.63 35.79 8.52
CA THR E 44 -3.52 35.64 7.06
C THR E 44 -2.62 34.49 6.67
N TRP E 45 -1.91 33.86 7.62
CA TRP E 45 -1.11 32.70 7.28
C TRP E 45 -2.01 31.49 7.02
N LEU E 46 -3.09 31.37 7.77
CA LEU E 46 -4.01 30.25 7.60
C LEU E 46 -4.61 30.24 6.19
N VAL E 47 -5.08 31.39 5.72
CA VAL E 47 -5.67 31.42 4.38
C VAL E 47 -4.62 31.11 3.32
N LYS E 48 -3.42 31.70 3.45
CA LYS E 48 -2.39 31.49 2.43
C LYS E 48 -1.96 30.03 2.38
N LEU E 49 -1.89 29.37 3.53
CA LEU E 49 -1.39 27.99 3.56
C LEU E 49 -2.40 27.02 2.97
N THR E 50 -3.71 27.27 3.15
CA THR E 50 -4.71 26.43 2.50
C THR E 50 -4.73 26.66 0.99
N GLU E 51 -4.57 27.91 0.57
CA GLU E 51 -4.49 28.21 -0.87
C GLU E 51 -3.36 27.43 -1.51
N ARG E 52 -2.18 27.43 -0.89
CA ARG E 52 -1.06 26.67 -1.37
C ARG E 52 -1.35 25.17 -1.38
N GLY E 53 -2.25 24.69 -0.51
CA GLY E 53 -2.53 23.27 -0.38
C GLY E 53 -1.76 22.58 0.71
N VAL E 54 -1.06 23.33 1.56
CA VAL E 54 -0.31 22.71 2.66
C VAL E 54 -1.28 22.01 3.62
N LEU E 55 -2.43 22.60 3.86
CA LEU E 55 -3.44 22.01 4.73
C LEU E 55 -4.82 22.25 4.15
N THR E 56 -5.73 21.33 4.44
CA THR E 56 -7.07 21.36 3.90
C THR E 56 -7.96 22.33 4.68
N PRO E 57 -9.07 22.76 4.09
CA PRO E 57 -10.01 23.59 4.87
C PRO E 57 -10.53 22.88 6.11
N VAL E 58 -10.73 21.56 6.03
CA VAL E 58 -11.16 20.82 7.21
C VAL E 58 -10.08 20.86 8.29
N GLU E 59 -8.81 20.85 7.89
CA GLU E 59 -7.73 20.95 8.87
C GLU E 59 -7.56 22.38 9.36
N ARG E 60 -7.80 23.36 8.49
CA ARG E 60 -7.73 24.76 8.90
C ARG E 60 -8.78 25.05 9.97
N ASP E 61 -9.97 24.47 9.84
CA ASP E 61 -11.01 24.64 10.84
C ASP E 61 -10.67 23.94 12.15
N GLN E 62 -9.82 22.90 12.11
CA GLN E 62 -9.36 22.30 13.35
C GLN E 62 -8.49 23.27 14.14
N ILE E 63 -7.65 24.04 13.45
CA ILE E 63 -6.81 25.02 14.12
C ILE E 63 -7.67 26.16 14.69
N ILE E 64 -8.49 26.77 13.83
CA ILE E 64 -9.35 27.88 14.24
C ILE E 64 -10.63 27.83 13.41
N PRO E 65 -11.80 28.00 14.03
CA PRO E 65 -13.05 28.00 13.25
C PRO E 65 -13.06 29.13 12.24
N LEU E 66 -13.89 28.95 11.19
CA LEU E 66 -13.83 29.85 10.05
C LEU E 66 -14.30 31.25 10.42
N ARG E 67 -15.42 31.36 11.14
CA ARG E 67 -15.93 32.67 11.51
C ARG E 67 -15.00 33.39 12.49
N THR E 68 -14.31 32.63 13.36
CA THR E 68 -13.28 33.24 14.18
C THR E 68 -12.09 33.70 13.33
N LEU E 69 -11.71 32.90 12.34
CA LEU E 69 -10.57 33.27 11.49
C LEU E 69 -10.85 34.55 10.71
N LYS E 70 -12.02 34.63 10.08
CA LYS E 70 -12.36 35.83 9.31
C LYS E 70 -12.48 37.05 10.22
N SER E 71 -12.89 36.85 11.48
CA SER E 71 -12.96 37.96 12.42
C SER E 71 -11.57 38.43 12.80
N ARG E 72 -10.62 37.50 12.90
CA ARG E 72 -9.23 37.87 13.17
C ARG E 72 -8.65 38.69 12.02
N ILE E 73 -8.97 38.30 10.78
CA ILE E 73 -8.42 38.99 9.62
C ILE E 73 -9.00 40.40 9.51
N GLU E 74 -10.32 40.55 9.72
CA GLU E 74 -10.95 41.85 9.53
C GLU E 74 -10.47 42.87 10.56
N ARG E 75 -10.29 42.43 11.80
CA ARG E 75 -9.73 43.29 12.84
C ARG E 75 -8.20 43.26 12.85
N ASP E 76 -7.58 42.36 12.07
CA ASP E 76 -6.13 42.27 11.98
C ASP E 76 -5.51 41.88 13.32
N GLN E 77 -6.12 40.87 13.97
CA GLN E 77 -5.60 40.32 15.21
C GLN E 77 -4.69 39.13 14.92
N PRO E 78 -3.66 38.93 15.74
CA PRO E 78 -2.89 37.70 15.65
C PRO E 78 -3.66 36.54 16.26
N LEU E 79 -3.28 35.33 15.86
CA LEU E 79 -3.87 34.14 16.45
C LEU E 79 -3.46 34.00 17.90
N THR E 80 -4.30 33.32 18.67
CA THR E 80 -3.94 33.05 20.05
C THR E 80 -2.73 32.12 20.10
N VAL E 81 -2.18 31.95 21.30
CA VAL E 81 -0.96 31.15 21.43
C VAL E 81 -1.24 29.69 21.11
N ASP E 82 -2.35 29.14 21.60
CA ASP E 82 -2.68 27.75 21.30
C ASP E 82 -3.11 27.57 19.85
N GLU E 83 -3.78 28.57 19.27
CA GLU E 83 -4.04 28.55 17.83
C GLU E 83 -2.72 28.58 17.06
N SER E 84 -1.73 29.33 17.56
CA SER E 84 -0.43 29.38 16.91
C SER E 84 0.33 28.08 17.11
N ASP E 85 0.17 27.44 18.27
CA ASP E 85 0.85 26.17 18.51
C ASP E 85 0.32 25.08 17.60
N ARG E 86 -1.00 25.00 17.45
CA ARG E 86 -1.58 23.99 16.56
C ARG E 86 -1.16 24.23 15.11
N LEU E 87 -1.03 25.51 14.72
CA LEU E 87 -0.51 25.82 13.39
C LEU E 87 0.96 25.44 13.27
N PHE E 88 1.74 25.65 14.33
CA PHE E 88 3.14 25.27 14.29
C PHE E 88 3.31 23.76 14.19
N ARG E 89 2.48 23.01 14.92
CA ARG E 89 2.56 21.55 14.86
C ARG E 89 2.40 21.04 13.43
N SER E 90 1.44 21.59 12.69
CA SER E 90 1.21 21.15 11.32
C SER E 90 2.37 21.57 10.41
N ALA E 91 2.87 22.80 10.58
CA ALA E 91 4.00 23.24 9.76
C ALA E 91 5.29 22.50 10.16
N HIS E 92 5.44 22.21 11.45
CA HIS E 92 6.62 21.50 11.92
C HIS E 92 6.68 20.08 11.36
N ILE E 93 5.54 19.37 11.38
CA ILE E 93 5.52 18.00 10.88
C ILE E 93 5.60 17.98 9.36
N THR E 94 4.98 18.97 8.70
CA THR E 94 5.06 19.05 7.24
C THR E 94 6.49 19.30 6.79
N ALA E 95 7.16 20.29 7.40
CA ALA E 95 8.52 20.61 7.00
C ALA E 95 9.47 19.44 7.22
N MET E 96 9.26 18.67 8.29
CA MET E 96 10.12 17.52 8.55
C MET E 96 9.86 16.40 7.56
N ALA E 97 8.59 16.17 7.21
CA ALA E 97 8.28 15.14 6.23
C ALA E 97 8.83 15.49 4.86
N GLU E 98 8.78 16.77 4.49
CA GLU E 98 9.32 17.19 3.20
C GLU E 98 10.85 17.07 3.18
N ALA E 99 11.50 17.18 4.35
CA ALA E 99 12.94 17.00 4.41
C ALA E 99 13.31 15.53 4.30
N VAL E 100 12.54 14.65 4.94
CA VAL E 100 12.83 13.22 4.91
C VAL E 100 12.47 12.62 3.57
N PHE E 101 11.29 12.96 3.03
CA PHE E 101 10.85 12.39 1.77
C PHE E 101 11.50 13.07 0.57
N GLY E 102 11.88 14.33 0.70
CA GLY E 102 12.54 15.06 -0.37
C GLY E 102 11.60 15.71 -1.36
N GLU E 103 10.34 15.29 -1.42
CA GLU E 103 9.35 15.86 -2.31
C GLU E 103 8.11 16.24 -1.51
N ALA E 104 7.55 17.41 -1.83
CA ALA E 104 6.35 17.87 -1.13
C ALA E 104 5.16 16.96 -1.41
N GLY E 105 5.06 16.44 -2.63
CA GLY E 105 3.95 15.58 -2.97
C GLY E 105 3.96 14.27 -2.18
N LYS E 106 5.12 13.62 -2.13
CA LYS E 106 5.23 12.37 -1.38
C LYS E 106 4.97 12.59 0.11
N ALA E 107 5.48 13.69 0.65
CA ALA E 107 5.33 13.95 2.07
C ALA E 107 3.85 14.13 2.45
N LYS E 108 3.13 14.97 1.69
CA LYS E 108 1.74 15.24 2.01
C LYS E 108 0.88 13.99 1.88
N ARG E 109 1.13 13.18 0.85
CA ARG E 109 0.36 11.95 0.68
C ARG E 109 0.60 10.98 1.83
N TRP E 110 1.86 10.82 2.24
CA TRP E 110 2.17 9.94 3.36
C TRP E 110 1.52 10.46 4.65
N LEU E 111 1.51 11.77 4.83
CA LEU E 111 0.88 12.34 6.03
C LEU E 111 -0.64 12.25 5.98
N SER E 112 -1.23 12.08 4.80
CA SER E 112 -2.67 12.02 4.63
C SER E 112 -3.19 10.60 4.50
N LYS E 113 -2.34 9.60 4.73
CA LYS E 113 -2.78 8.22 4.56
C LYS E 113 -2.88 7.51 5.91
N PRO E 114 -3.89 6.66 6.08
CA PRO E 114 -4.03 5.93 7.36
C PRO E 114 -2.83 5.06 7.66
N LYS E 115 -2.62 4.80 8.94
CA LYS E 115 -1.50 3.99 9.41
C LYS E 115 -2.01 2.93 10.37
N GLU E 116 -1.49 1.70 10.23
CA GLU E 116 -1.84 0.67 11.20
C GLU E 116 -1.20 0.93 12.55
N ARG E 117 -0.07 1.65 12.56
CA ARG E 117 0.54 2.05 13.83
C ARG E 117 -0.38 2.98 14.61
N PHE E 118 -1.20 3.77 13.91
CA PHE E 118 -2.13 4.69 14.54
C PHE E 118 -3.57 4.20 14.47
N SER E 119 -3.77 2.89 14.25
CA SER E 119 -5.09 2.27 14.24
C SER E 119 -6.01 2.93 13.22
N GLY E 120 -5.49 3.14 12.02
CA GLY E 120 -6.27 3.70 10.93
C GLY E 120 -6.26 5.21 10.85
N LEU E 121 -5.71 5.90 11.83
CA LEU E 121 -5.63 7.36 11.78
C LEU E 121 -4.42 7.80 10.95
N THR E 122 -4.56 8.96 10.30
CA THR E 122 -3.47 9.52 9.54
C THR E 122 -2.51 10.27 10.45
N PRO E 123 -1.25 10.46 10.02
CA PRO E 123 -0.32 11.26 10.83
C PRO E 123 -0.84 12.66 11.13
N MET E 124 -1.51 13.30 10.16
CA MET E 124 -2.06 14.63 10.42
C MET E 124 -3.11 14.60 11.51
N GLN E 125 -3.87 13.50 11.60
CA GLN E 125 -4.89 13.38 12.64
C GLN E 125 -4.28 13.21 14.03
N MET E 126 -3.03 12.76 14.12
CA MET E 126 -2.38 12.58 15.42
C MET E 126 -1.78 13.87 15.97
N LEU E 127 -1.77 14.94 15.19
CA LEU E 127 -1.24 16.22 15.66
C LEU E 127 -2.19 16.96 16.59
N THR E 128 -3.36 16.38 16.89
CA THR E 128 -4.28 17.01 17.82
C THR E 128 -3.69 17.10 19.22
N THR E 129 -2.80 16.17 19.57
CA THR E 129 -2.11 16.19 20.86
C THR E 129 -0.61 16.15 20.62
N GLN E 130 0.13 16.87 21.45
CA GLN E 130 1.58 16.93 21.28
C GLN E 130 2.23 15.56 21.44
N GLN E 131 1.66 14.70 22.30
CA GLN E 131 2.16 13.34 22.40
C GLN E 131 1.98 12.57 21.10
N GLY E 132 0.89 12.85 20.37
CA GLY E 132 0.73 12.25 19.06
C GLY E 132 1.65 12.85 18.02
N THR E 133 1.99 14.14 18.18
CA THR E 133 2.96 14.77 17.29
C THR E 133 4.32 14.11 17.42
N THR E 134 4.71 13.75 18.64
CA THR E 134 5.97 13.04 18.85
C THR E 134 5.99 11.71 18.13
N GLN E 135 4.85 11.00 18.12
CA GLN E 135 4.78 9.71 17.45
C GLN E 135 5.04 9.84 15.96
N VAL E 136 4.52 10.91 15.33
CA VAL E 136 4.79 11.14 13.92
C VAL E 136 6.24 11.51 13.70
N GLU E 137 6.82 12.28 14.64
CA GLU E 137 8.22 12.67 14.54
C GLU E 137 9.13 11.45 14.49
N GLU E 138 8.93 10.51 15.43
CA GLU E 138 9.80 9.35 15.50
C GLU E 138 9.63 8.45 14.28
N MET E 139 8.39 8.32 13.77
CA MET E 139 8.18 7.52 12.57
C MET E 139 8.88 8.14 11.37
N LEU E 140 8.87 9.47 11.27
CA LEU E 140 9.63 10.15 10.22
C LEU E 140 11.13 9.93 10.40
N LEU E 141 11.61 9.97 11.64
CA LEU E 141 13.02 9.75 11.90
C LEU E 141 13.41 8.29 11.66
N GLN E 142 12.50 7.35 11.95
CA GLN E 142 12.77 5.95 11.67
C GLN E 142 12.93 5.71 10.17
N ILE E 143 12.22 6.47 9.34
CA ILE E 143 12.36 6.34 7.90
C ILE E 143 13.75 6.80 7.46
N ALA E 144 14.22 7.94 8.00
CA ALA E 144 15.51 8.47 7.60
C ALA E 144 16.64 7.52 7.99
N GLU E 145 16.57 6.94 9.19
CA GLU E 145 17.61 6.04 9.66
C GLU E 145 17.41 4.60 9.19
N GLY E 146 16.27 4.29 8.59
CA GLY E 146 16.02 2.91 8.19
C GLY E 146 15.78 1.98 9.36
N TYR E 147 14.99 2.42 10.34
CA TYR E 147 14.67 1.59 11.50
C TYR E 147 13.28 0.98 11.31
N GLY E 148 13.18 0.12 10.30
CA GLY E 148 11.95 -0.60 10.03
C GLY E 148 12.12 -2.09 10.20
N LEU E 149 12.78 -2.47 11.29
CA LEU E 149 13.13 -3.86 11.65
C LEU E 149 14.25 -4.43 10.79
N MET F 1 13.03 11.07 26.32
CA MET F 1 12.03 10.20 26.92
C MET F 1 12.55 8.77 27.01
N LEU F 2 12.63 8.05 25.89
CA LEU F 2 13.34 6.78 25.92
C LEU F 2 14.83 6.96 25.71
N ALA F 3 15.31 8.20 25.71
CA ALA F 3 16.74 8.42 25.57
C ALA F 3 17.42 8.57 26.92
N GLU F 4 16.78 8.13 27.99
CA GLU F 4 17.37 8.29 29.31
C GLU F 4 18.30 7.10 29.52
N VAL F 5 19.46 7.37 30.09
CA VAL F 5 20.45 6.33 30.23
C VAL F 5 19.97 5.30 31.25
N LEU F 6 20.57 4.11 31.17
CA LEU F 6 20.19 2.95 31.98
C LEU F 6 18.70 2.68 31.89
N ARG F 7 18.33 1.82 30.94
CA ARG F 7 16.97 1.32 30.81
C ARG F 7 16.47 0.74 32.13
N ASP F 8 17.40 0.30 32.98
CA ASP F 8 17.04 -0.27 34.27
C ASP F 8 16.42 0.81 35.18
N ASN F 9 17.01 2.00 35.22
CA ASN F 9 16.44 3.11 35.99
C ASN F 9 15.50 3.98 35.16
N GLY F 10 16.11 4.86 34.38
CA GLY F 10 15.50 6.04 33.79
C GLY F 10 14.20 5.95 33.04
N TYR F 11 14.13 5.14 31.98
CA TYR F 11 12.86 5.02 31.28
C TYR F 11 11.84 4.27 32.12
N HIS F 12 12.29 3.25 32.85
CA HIS F 12 11.40 2.54 33.75
C HIS F 12 10.94 3.43 34.90
N GLU F 13 11.86 4.22 35.47
CA GLU F 13 11.47 5.15 36.52
C GLU F 13 10.49 6.20 35.99
N TYR F 14 10.73 6.69 34.77
CA TYR F 14 9.82 7.66 34.17
C TYR F 14 8.43 7.08 34.02
N ARG F 15 8.34 5.86 33.50
CA ARG F 15 7.04 5.22 33.33
C ARG F 15 6.39 4.91 34.68
N ALA F 16 7.20 4.55 35.67
CA ALA F 16 6.65 4.29 37.00
C ALA F 16 6.09 5.57 37.63
N ARG F 17 6.84 6.68 37.53
CA ARG F 17 6.34 7.94 38.03
C ARG F 17 5.11 8.38 37.24
N LEU F 18 5.14 8.19 35.91
CA LEU F 18 4.00 8.55 35.08
C LEU F 18 2.78 7.72 35.42
N GLN F 19 2.96 6.46 35.81
CA GLN F 19 1.83 5.63 36.22
C GLN F 19 1.31 6.02 37.60
N ALA F 20 2.14 6.70 38.41
CA ALA F 20 1.64 7.24 39.67
C ALA F 20 0.80 8.50 39.46
N LEU F 21 1.27 9.41 38.59
CA LEU F 21 0.60 10.70 38.42
C LEU F 21 -0.74 10.52 37.71
N LEU F 22 -0.75 9.77 36.62
CA LEU F 22 -1.96 9.42 35.88
C LEU F 22 -2.15 7.91 36.00
N ASP F 23 -3.09 7.35 35.24
CA ASP F 23 -3.36 5.91 35.32
C ASP F 23 -2.78 5.16 34.12
N ILE F 24 -1.67 5.64 33.59
CA ILE F 24 -1.07 5.09 32.38
C ILE F 24 -0.16 3.91 32.72
N PRO F 25 -0.48 2.69 32.27
CA PRO F 25 0.35 1.53 32.59
C PRO F 25 1.76 1.66 32.03
N GLU F 26 2.69 0.93 32.66
CA GLU F 26 4.10 1.04 32.29
C GLU F 26 4.35 0.47 30.90
N LEU F 27 3.71 -0.64 30.56
CA LEU F 27 3.88 -1.29 29.27
C LEU F 27 2.90 -0.80 28.22
N ALA F 28 2.10 0.23 28.52
CA ALA F 28 1.18 0.75 27.54
C ALA F 28 1.94 1.35 26.36
N SER F 29 1.47 1.06 25.15
CA SER F 29 2.14 1.57 23.97
C SER F 29 1.89 3.06 23.80
N ASP F 30 2.65 3.67 22.90
CA ASP F 30 2.54 5.11 22.68
C ASP F 30 1.15 5.50 22.18
N PHE F 31 0.58 4.70 21.26
CA PHE F 31 -0.75 5.00 20.75
C PHE F 31 -1.81 4.84 21.83
N GLU F 32 -1.66 3.86 22.71
CA GLU F 32 -2.60 3.68 23.81
C GLU F 32 -2.59 4.89 24.74
N ILE F 33 -1.42 5.49 24.95
CA ILE F 33 -1.35 6.73 25.72
C ILE F 33 -2.14 7.82 25.03
N HIS F 34 -2.01 7.93 23.71
CA HIS F 34 -2.73 8.96 22.96
C HIS F 34 -4.23 8.70 22.99
N THR F 35 -4.64 7.43 23.02
CA THR F 35 -6.06 7.12 23.11
C THR F 35 -6.61 7.51 24.48
N ARG F 36 -5.81 7.34 25.53
CA ARG F 36 -6.23 7.78 26.87
C ARG F 36 -6.36 9.30 26.93
N ILE F 37 -5.47 10.03 26.25
CA ILE F 37 -5.54 11.48 26.23
C ILE F 37 -6.77 11.94 25.45
N THR F 38 -6.97 11.38 24.25
CA THR F 38 -8.13 11.78 23.44
C THR F 38 -9.44 11.33 24.08
N ASP F 39 -9.43 10.24 24.83
CA ASP F 39 -10.62 9.84 25.58
C ASP F 39 -10.98 10.88 26.63
N GLY F 40 -9.99 11.55 27.20
CA GLY F 40 -10.23 12.54 28.23
C GLY F 40 -9.96 12.02 29.62
N PHE F 41 -9.11 12.72 30.36
CA PHE F 41 -8.82 12.33 31.74
C PHE F 41 -9.95 12.79 32.65
N ALA F 42 -10.14 12.05 33.75
CA ALA F 42 -11.15 12.43 34.72
C ALA F 42 -10.80 13.77 35.36
N ALA F 43 -11.82 14.63 35.50
CA ALA F 43 -11.59 15.93 36.11
C ALA F 43 -11.16 15.82 37.56
N THR F 44 -11.66 14.79 38.27
CA THR F 44 -11.29 14.57 39.66
C THR F 44 -9.81 14.25 39.85
N TRP F 45 -9.06 14.00 38.77
CA TRP F 45 -7.63 13.74 38.90
CA TRP F 45 -7.64 13.75 38.93
C TRP F 45 -6.83 15.03 39.02
N LEU F 46 -7.25 16.09 38.33
CA LEU F 46 -6.57 17.38 38.45
C LEU F 46 -6.68 17.95 39.85
N VAL F 47 -7.87 17.83 40.45
CA VAL F 47 -8.06 18.23 41.84
C VAL F 47 -7.15 17.42 42.76
N LYS F 48 -7.12 16.10 42.56
CA LYS F 48 -6.32 15.26 43.45
C LYS F 48 -4.83 15.57 43.31
N LEU F 49 -4.37 15.78 42.08
CA LEU F 49 -2.95 16.14 41.88
C LEU F 49 -2.59 17.42 42.63
N THR F 50 -3.47 18.41 42.61
CA THR F 50 -3.19 19.65 43.34
C THR F 50 -3.23 19.41 44.85
N GLU F 51 -4.24 18.66 45.31
CA GLU F 51 -4.34 18.33 46.73
C GLU F 51 -3.09 17.63 47.25
N ARG F 52 -2.51 16.71 46.47
CA ARG F 52 -1.29 16.04 46.89
C ARG F 52 -0.04 16.85 46.63
N GLY F 53 -0.18 18.07 46.12
CA GLY F 53 0.96 18.94 45.93
C GLY F 53 1.71 18.74 44.64
N VAL F 54 1.21 17.91 43.73
CA VAL F 54 1.92 17.67 42.48
C VAL F 54 1.81 18.89 41.59
N LEU F 55 0.69 19.61 41.65
CA LEU F 55 0.46 20.79 40.82
C LEU F 55 0.13 21.96 41.73
N THR F 56 0.83 23.07 41.55
CA THR F 56 0.40 24.32 42.13
C THR F 56 -1.00 24.68 41.63
N PRO F 57 -1.77 25.46 42.39
CA PRO F 57 -2.98 26.08 41.82
C PRO F 57 -2.73 26.84 40.53
N VAL F 58 -1.56 27.45 40.37
CA VAL F 58 -1.30 28.23 39.16
C VAL F 58 -1.01 27.31 37.98
N GLU F 59 -0.30 26.21 38.23
CA GLU F 59 -0.10 25.19 37.21
C GLU F 59 -1.43 24.56 36.81
N ARG F 60 -2.35 24.41 37.76
CA ARG F 60 -3.66 23.83 37.46
C ARG F 60 -4.48 24.77 36.59
N ASP F 61 -4.44 26.07 36.88
CA ASP F 61 -5.16 27.04 36.07
C ASP F 61 -4.63 27.09 34.64
N GLN F 62 -3.34 26.83 34.46
CA GLN F 62 -2.77 26.78 33.12
C GLN F 62 -3.33 25.62 32.30
N ILE F 63 -3.65 24.51 32.96
CA ILE F 63 -4.26 23.38 32.26
C ILE F 63 -5.71 23.69 31.91
N ILE F 64 -6.49 24.15 32.89
CA ILE F 64 -7.89 24.47 32.69
C ILE F 64 -8.29 25.55 33.68
N PRO F 65 -9.10 26.54 33.29
CA PRO F 65 -9.61 27.49 34.28
C PRO F 65 -10.42 26.75 35.33
N LEU F 66 -10.42 27.30 36.55
CA LEU F 66 -10.98 26.55 37.67
C LEU F 66 -12.50 26.57 37.64
N ARG F 67 -13.11 27.64 37.12
CA ARG F 67 -14.55 27.65 36.92
C ARG F 67 -14.98 26.56 35.94
N THR F 68 -14.24 26.42 34.84
CA THR F 68 -14.50 25.32 33.92
C THR F 68 -14.28 23.97 34.61
N LEU F 69 -13.17 23.84 35.34
CA LEU F 69 -12.87 22.59 36.03
C LEU F 69 -13.98 22.21 37.01
N LYS F 70 -14.50 23.19 37.77
CA LYS F 70 -15.60 22.90 38.67
C LYS F 70 -16.85 22.52 37.88
N SER F 71 -17.04 23.10 36.69
CA SER F 71 -18.16 22.71 35.85
C SER F 71 -18.04 21.27 35.37
N ARG F 72 -16.84 20.85 35.00
CA ARG F 72 -16.62 19.47 34.55
C ARG F 72 -16.96 18.47 35.65
N ILE F 73 -16.47 18.74 36.86
CA ILE F 73 -16.74 17.85 38.00
C ILE F 73 -18.23 17.77 38.28
N GLU F 74 -18.91 18.92 38.29
CA GLU F 74 -20.32 18.93 38.66
C GLU F 74 -21.17 18.23 37.61
N ARG F 75 -20.88 18.45 36.33
CA ARG F 75 -21.58 17.79 35.24
C ARG F 75 -20.96 16.44 34.90
N ASP F 76 -20.01 15.96 35.69
CA ASP F 76 -19.39 14.64 35.49
C ASP F 76 -18.88 14.49 34.06
N GLN F 77 -18.12 15.48 33.64
CA GLN F 77 -17.59 15.49 32.29
C GLN F 77 -16.09 15.18 32.32
N PRO F 78 -15.59 14.42 31.36
CA PRO F 78 -14.14 14.25 31.25
C PRO F 78 -13.52 15.52 30.70
N LEU F 79 -12.22 15.68 30.95
CA LEU F 79 -11.54 16.84 30.39
C LEU F 79 -11.45 16.69 28.88
N THR F 80 -11.41 17.83 28.19
CA THR F 80 -11.39 17.77 26.74
C THR F 80 -10.02 17.32 26.26
N VAL F 81 -9.91 17.10 24.94
CA VAL F 81 -8.66 16.62 24.38
C VAL F 81 -7.53 17.62 24.64
N ASP F 82 -7.82 18.91 24.43
CA ASP F 82 -6.79 19.93 24.64
C ASP F 82 -6.44 20.07 26.12
N GLU F 83 -7.44 19.98 27.01
CA GLU F 83 -7.15 20.05 28.44
C GLU F 83 -6.42 18.78 28.90
N SER F 84 -6.81 17.62 28.38
CA SER F 84 -6.08 16.39 28.69
C SER F 84 -4.66 16.44 28.15
N ASP F 85 -4.48 17.00 26.96
CA ASP F 85 -3.14 17.16 26.40
C ASP F 85 -2.28 18.05 27.28
N ARG F 86 -2.84 19.16 27.76
CA ARG F 86 -2.09 20.06 28.63
C ARG F 86 -1.76 19.39 29.96
N LEU F 87 -2.69 18.59 30.50
CA LEU F 87 -2.40 17.86 31.73
C LEU F 87 -1.31 16.83 31.50
N PHE F 88 -1.33 16.14 30.35
CA PHE F 88 -0.29 15.14 30.08
C PHE F 88 1.08 15.79 29.98
N ARG F 89 1.17 16.99 29.39
CA ARG F 89 2.45 17.67 29.29
C ARG F 89 3.04 17.94 30.67
N SER F 90 2.20 18.34 31.62
CA SER F 90 2.68 18.59 32.97
C SER F 90 3.10 17.31 33.66
N ALA F 91 2.28 16.27 33.56
CA ALA F 91 2.64 14.99 34.17
C ALA F 91 3.86 14.36 33.52
N HIS F 92 3.97 14.50 32.19
CA HIS F 92 5.12 13.94 31.48
C HIS F 92 6.41 14.62 31.88
N ILE F 93 6.41 15.96 31.91
CA ILE F 93 7.60 16.70 32.29
C ILE F 93 7.94 16.49 33.76
N THR F 94 6.91 16.38 34.61
CA THR F 94 7.14 16.12 36.03
C THR F 94 7.75 14.73 36.24
N ALA F 95 7.22 13.72 35.54
CA ALA F 95 7.77 12.38 35.65
C ALA F 95 9.21 12.33 35.14
N MET F 96 9.49 13.07 34.05
CA MET F 96 10.84 13.10 33.51
C MET F 96 11.81 13.74 34.50
N ALA F 97 11.43 14.90 35.06
CA ALA F 97 12.31 15.58 36.01
C ALA F 97 12.55 14.74 37.26
N GLU F 98 11.50 14.08 37.76
CA GLU F 98 11.66 13.20 38.93
C GLU F 98 12.61 12.06 38.62
N ALA F 99 12.58 11.54 37.40
CA ALA F 99 13.49 10.47 37.02
C ALA F 99 14.93 10.96 36.98
N VAL F 100 15.16 12.16 36.42
CA VAL F 100 16.51 12.67 36.29
C VAL F 100 17.06 13.09 37.64
N PHE F 101 16.30 13.89 38.39
CA PHE F 101 16.77 14.39 39.68
C PHE F 101 16.74 13.33 40.77
N GLY F 102 15.74 12.44 40.74
CA GLY F 102 15.63 11.37 41.70
C GLY F 102 14.72 11.66 42.89
N GLU F 103 14.36 12.93 43.10
CA GLU F 103 13.48 13.31 44.20
C GLU F 103 12.36 14.19 43.67
N ALA F 104 11.16 14.00 44.21
CA ALA F 104 10.03 14.81 43.81
C ALA F 104 10.23 16.27 44.19
N GLY F 105 10.80 16.52 45.38
CA GLY F 105 10.96 17.89 45.84
C GLY F 105 11.85 18.72 44.93
N LYS F 106 13.01 18.18 44.57
CA LYS F 106 13.90 18.94 43.70
C LYS F 106 13.33 19.13 42.30
N ALA F 107 12.69 18.09 41.77
CA ALA F 107 12.04 18.23 40.47
C ALA F 107 10.97 19.32 40.51
N LYS F 108 10.25 19.40 41.63
CA LYS F 108 9.16 20.37 41.73
C LYS F 108 9.68 21.81 41.72
N ARG F 109 10.77 22.08 42.44
CA ARG F 109 11.28 23.45 42.46
C ARG F 109 12.03 23.79 41.19
N TRP F 110 12.78 22.84 40.62
CA TRP F 110 13.47 23.10 39.36
C TRP F 110 12.47 23.43 38.26
N LEU F 111 11.32 22.77 38.24
CA LEU F 111 10.30 23.07 37.25
C LEU F 111 9.69 24.44 37.49
N SER F 112 9.73 24.92 38.73
CA SER F 112 9.15 26.21 39.10
C SER F 112 10.18 27.33 39.15
N LYS F 113 11.47 27.01 39.12
CA LYS F 113 12.51 28.03 39.21
C LYS F 113 12.76 28.63 37.84
N PRO F 114 12.84 29.96 37.72
CA PRO F 114 13.13 30.59 36.42
C PRO F 114 14.50 30.22 35.91
N LYS F 115 14.67 30.29 34.60
CA LYS F 115 15.93 29.95 33.95
C LYS F 115 16.34 31.08 33.01
N GLU F 116 17.66 31.30 32.93
CA GLU F 116 18.19 32.45 32.20
C GLU F 116 18.10 32.28 30.69
N ARG F 117 18.17 31.04 30.19
CA ARG F 117 18.04 30.83 28.75
C ARG F 117 16.58 30.84 28.30
N PHE F 118 15.63 30.77 29.23
CA PHE F 118 14.23 30.97 28.93
C PHE F 118 13.81 32.40 29.23
N SER F 119 14.77 33.31 29.41
CA SER F 119 14.53 34.73 29.62
C SER F 119 13.60 34.98 30.82
N GLY F 120 13.84 34.24 31.90
CA GLY F 120 13.09 34.41 33.12
C GLY F 120 11.87 33.52 33.25
N LEU F 121 11.49 32.81 32.19
CA LEU F 121 10.35 31.92 32.25
C LEU F 121 10.72 30.61 32.95
N THR F 122 9.76 30.05 33.68
CA THR F 122 9.96 28.75 34.30
C THR F 122 9.79 27.65 33.25
N PRO F 123 10.37 26.47 33.50
CA PRO F 123 10.11 25.34 32.60
C PRO F 123 8.64 25.02 32.43
N MET F 124 7.84 25.21 33.49
CA MET F 124 6.40 24.95 33.39
C MET F 124 5.73 25.91 32.42
N GLN F 125 6.18 27.17 32.37
CA GLN F 125 5.59 28.12 31.43
C GLN F 125 6.01 27.85 29.99
N MET F 126 7.11 27.13 29.79
CA MET F 126 7.52 26.75 28.44
C MET F 126 6.64 25.67 27.82
N LEU F 127 5.82 25.01 28.63
CA LEU F 127 5.02 23.89 28.17
C LEU F 127 3.80 24.31 27.36
N THR F 128 3.61 25.62 27.13
CA THR F 128 2.48 26.09 26.34
C THR F 128 2.63 25.81 24.84
N THR F 129 3.83 25.48 24.38
CA THR F 129 4.07 25.27 22.95
C THR F 129 4.91 24.02 22.76
N GLN F 130 4.79 23.43 21.56
CA GLN F 130 5.50 22.20 21.24
C GLN F 130 7.02 22.40 21.35
N GLN F 131 7.53 23.48 20.76
CA GLN F 131 8.96 23.78 20.86
C GLN F 131 9.39 23.99 22.30
N GLY F 132 8.56 24.72 23.07
CA GLY F 132 8.92 24.99 24.45
C GLY F 132 9.06 23.74 25.29
N THR F 133 8.14 22.77 25.11
CA THR F 133 8.25 21.52 25.84
C THR F 133 9.49 20.74 25.42
N THR F 134 9.84 20.81 24.13
CA THR F 134 11.04 20.13 23.66
C THR F 134 12.29 20.70 24.31
N GLN F 135 12.34 22.03 24.48
CA GLN F 135 13.50 22.64 25.10
C GLN F 135 13.64 22.22 26.56
N VAL F 136 12.52 22.08 27.27
CA VAL F 136 12.56 21.64 28.66
C VAL F 136 13.05 20.19 28.74
N GLU F 137 12.56 19.33 27.85
CA GLU F 137 13.01 17.94 27.82
C GLU F 137 14.51 17.86 27.57
N GLU F 138 14.98 18.63 26.59
CA GLU F 138 16.40 18.62 26.24
C GLU F 138 17.25 19.18 27.38
N MET F 139 16.76 20.24 28.02
CA MET F 139 17.45 20.80 29.17
C MET F 139 17.66 19.76 30.25
N LEU F 140 16.63 18.95 30.51
CA LEU F 140 16.76 17.88 31.50
C LEU F 140 17.79 16.84 31.07
N LEU F 141 17.80 16.50 29.78
CA LEU F 141 18.78 15.54 29.29
C LEU F 141 20.20 16.07 29.39
N GLN F 142 20.41 17.35 29.03
CA GLN F 142 21.73 17.95 29.16
C GLN F 142 22.21 17.92 30.60
N ILE F 143 21.30 18.11 31.56
CA ILE F 143 21.67 18.03 32.96
C ILE F 143 22.06 16.60 33.33
N ALA F 144 21.31 15.61 32.82
CA ALA F 144 21.65 14.21 33.08
C ALA F 144 23.01 13.85 32.48
N GLU F 145 23.29 14.33 31.26
CA GLU F 145 24.63 14.18 30.70
C GLU F 145 25.58 15.12 31.44
N GLY F 146 26.86 14.71 31.50
CA GLY F 146 27.81 15.50 32.26
C GLY F 146 27.25 15.63 33.66
N TYR F 147 26.88 14.46 34.21
CA TYR F 147 25.83 14.37 35.23
C TYR F 147 26.05 15.33 36.38
N GLY F 148 25.00 16.08 36.71
CA GLY F 148 24.97 16.85 37.93
C GLY F 148 25.08 18.35 37.78
N LEU F 149 24.66 18.88 36.63
CA LEU F 149 24.60 20.32 36.39
C LEU F 149 25.98 20.98 36.42
#